data_1ZTM
#
_entry.id   1ZTM
#
_cell.length_a   105.560
_cell.length_b   122.170
_cell.length_c   195.710
_cell.angle_alpha   90.00
_cell.angle_beta   90.00
_cell.angle_gamma   90.00
#
_symmetry.space_group_name_H-M   'P 21 21 21'
#
loop_
_entity.id
_entity.type
_entity.pdbx_description
1 polymer 'Fusion glycoprotein'
2 non-polymer 2-acetamido-2-deoxy-beta-D-glucopyranose
3 water water
#
_entity_poly.entity_id   1
_entity_poly.type   'polypeptide(L)'
_entity_poly.pdbx_seq_one_letter_code
;QIDITKLQHVGVLVNSPKGMKISQNFETRYLILSLIPKIEDSNSCGDQQIKQYKRLLDRLIIPLYDGLRLQKDVIVSNQE
SNENTDPSTKRFFGGVIGTIALGVATSAQITAAVALVEAKQARSDIEKLKEAIRDTNKAVQSVQSSIGNLIVAIKSVQDY
VNKEIVPSIARLGCEAAGLQLGIALTQHYSELTNIFGDNIGSLQEKGIKLQGIASLYRTNITEIFTTSTVDKYDIYDLLF
TESIKVRVIDVDLNDYSITLQVRLPLLTRLLNTQIYRVDSISYNIQNREWYIPLPSHIMTKGAFLGGADVKECIEAFSSY
ICPSDPGFVLNHEMESCLSGNISQCPRTVVKSDIVPRYAFVNGGVVANCITTTCTCNGIGNRINQPPDQGVKIITHKECN
TIGINGMLFNTNKEGTLAFYTPNDITLNNSVALDPIDISIELNKAKSDLEESKEWIRRSNQKLDSIGNWHQSSTTGGPLV
PRGSHHHHHH
;
_entity_poly.pdbx_strand_id   A,B,C
#
# COMPACT_ATOMS: atom_id res chain seq x y z
N ILE A 4 13.44 -47.03 -5.84
CA ILE A 4 14.57 -46.18 -5.33
C ILE A 4 15.10 -46.63 -3.96
N THR A 5 16.42 -46.50 -3.74
CA THR A 5 17.07 -46.93 -2.49
C THR A 5 17.90 -45.91 -1.68
N LYS A 6 19.06 -46.39 -1.24
CA LYS A 6 20.04 -45.61 -0.50
C LYS A 6 21.39 -45.93 -1.19
N LEU A 7 21.64 -45.11 -2.21
CA LEU A 7 22.81 -45.20 -3.03
C LEU A 7 23.65 -43.97 -2.72
N GLN A 8 23.90 -43.75 -1.44
CA GLN A 8 24.72 -42.64 -1.00
C GLN A 8 26.14 -43.05 -1.32
N HIS A 9 26.42 -44.33 -1.12
CA HIS A 9 27.74 -44.89 -1.38
C HIS A 9 28.21 -44.55 -2.78
N VAL A 10 27.31 -44.00 -3.59
CA VAL A 10 27.65 -43.64 -4.95
C VAL A 10 27.41 -42.15 -5.15
N GLY A 11 27.37 -41.43 -4.06
CA GLY A 11 27.22 -39.99 -4.13
C GLY A 11 25.86 -39.41 -4.44
N VAL A 12 24.83 -40.23 -4.64
CA VAL A 12 23.52 -39.65 -4.90
C VAL A 12 22.66 -39.64 -3.63
N LEU A 13 22.08 -38.48 -3.37
CA LEU A 13 21.28 -38.30 -2.18
C LEU A 13 19.85 -37.89 -2.53
N VAL A 14 18.86 -38.77 -2.31
CA VAL A 14 17.47 -38.41 -2.59
C VAL A 14 16.81 -37.98 -1.29
N ASN A 15 16.25 -36.77 -1.27
CA ASN A 15 15.67 -36.24 -0.04
C ASN A 15 14.16 -36.06 0.00
N SER A 16 13.79 -34.85 0.37
CA SER A 16 12.41 -34.40 0.52
C SER A 16 11.36 -35.11 -0.33
N PRO A 17 10.90 -36.27 0.13
CA PRO A 17 9.87 -37.02 -0.59
C PRO A 17 8.57 -36.20 -0.56
N LYS A 18 7.88 -36.09 -1.69
CA LYS A 18 6.62 -35.31 -1.73
C LYS A 18 5.58 -35.76 -2.76
N GLY A 19 4.31 -35.51 -2.44
CA GLY A 19 3.22 -35.89 -3.32
C GLY A 19 2.99 -34.88 -4.43
N MET A 20 1.99 -35.14 -5.27
CA MET A 20 1.71 -34.25 -6.37
C MET A 20 0.22 -34.03 -6.61
N LYS A 21 -0.12 -32.85 -7.11
CA LYS A 21 -1.50 -32.49 -7.40
C LYS A 21 -1.54 -31.70 -8.70
N ILE A 22 -2.56 -31.91 -9.53
CA ILE A 22 -2.65 -31.13 -10.75
C ILE A 22 -3.79 -30.12 -10.65
N SER A 23 -3.45 -28.87 -10.95
CA SER A 23 -4.38 -27.77 -10.90
C SER A 23 -4.95 -27.56 -12.29
N GLN A 24 -6.20 -27.96 -12.50
CA GLN A 24 -6.83 -27.76 -13.80
C GLN A 24 -8.26 -27.29 -13.62
N ASN A 25 -8.96 -27.88 -12.66
CA ASN A 25 -10.33 -27.46 -12.42
C ASN A 25 -10.34 -26.27 -11.47
N PHE A 26 -11.33 -25.41 -11.62
CA PHE A 26 -11.43 -24.27 -10.73
C PHE A 26 -12.83 -23.68 -10.59
N GLU A 27 -13.01 -22.84 -9.58
CA GLU A 27 -14.28 -22.19 -9.31
C GLU A 27 -14.08 -20.70 -9.53
N THR A 28 -15.04 -20.07 -10.19
CA THR A 28 -14.93 -18.66 -10.48
C THR A 28 -15.96 -17.83 -9.72
N ARG A 29 -15.47 -16.93 -8.88
CA ARG A 29 -16.37 -16.04 -8.15
C ARG A 29 -16.03 -14.62 -8.54
N TYR A 30 -16.97 -13.72 -8.39
CA TYR A 30 -16.71 -12.33 -8.73
C TYR A 30 -16.79 -11.53 -7.44
N LEU A 31 -15.94 -10.52 -7.32
CA LEU A 31 -15.93 -9.69 -6.12
C LEU A 31 -16.09 -8.24 -6.50
N ILE A 32 -17.06 -7.56 -5.88
CA ILE A 32 -17.31 -6.17 -6.17
C ILE A 32 -16.74 -5.30 -5.06
N LEU A 33 -15.87 -4.38 -5.47
CA LEU A 33 -15.22 -3.41 -4.59
C LEU A 33 -15.97 -2.11 -4.72
N SER A 34 -16.51 -1.61 -3.61
CA SER A 34 -17.22 -0.33 -3.65
C SER A 34 -16.30 0.59 -2.86
N LEU A 35 -15.80 1.61 -3.54
CA LEU A 35 -14.84 2.53 -2.96
C LEU A 35 -15.34 3.61 -2.03
N ILE A 36 -16.63 3.94 -2.11
CA ILE A 36 -17.17 4.99 -1.26
C ILE A 36 -18.48 4.51 -0.64
N PRO A 37 -18.55 4.48 0.70
CA PRO A 37 -19.72 4.03 1.46
C PRO A 37 -20.93 4.92 1.24
N LYS A 38 -22.13 4.37 1.41
CA LYS A 38 -23.34 5.17 1.26
C LYS A 38 -23.28 6.20 2.38
N ILE A 39 -23.19 7.47 2.02
CA ILE A 39 -23.09 8.54 3.02
C ILE A 39 -24.30 9.45 3.09
N GLU A 40 -24.86 9.59 4.29
CA GLU A 40 -26.01 10.46 4.48
C GLU A 40 -25.84 11.42 5.64
N ASP A 41 -25.73 12.71 5.29
CA ASP A 41 -25.58 13.77 6.28
C ASP A 41 -26.54 14.91 5.93
N SER A 42 -27.69 14.88 6.60
CA SER A 42 -28.76 15.85 6.42
C SER A 42 -28.31 17.25 5.99
N ASN A 43 -27.59 17.91 6.87
CA ASN A 43 -27.11 19.28 6.67
C ASN A 43 -25.92 19.42 5.74
N SER A 44 -25.56 18.32 5.09
CA SER A 44 -24.43 18.30 4.15
C SER A 44 -23.14 18.90 4.71
N CYS A 45 -22.76 18.49 5.91
CA CYS A 45 -21.54 18.98 6.53
C CYS A 45 -20.34 18.31 5.86
N GLY A 46 -20.43 17.00 5.71
CA GLY A 46 -19.35 16.27 5.08
C GLY A 46 -19.40 16.43 3.58
N ASP A 47 -20.05 17.49 3.12
CA ASP A 47 -20.13 17.72 1.69
C ASP A 47 -18.78 18.06 1.05
N GLN A 48 -18.17 19.16 1.48
CA GLN A 48 -16.88 19.58 0.92
C GLN A 48 -15.89 18.40 0.83
N GLN A 49 -15.91 17.55 1.85
CA GLN A 49 -15.01 16.40 1.90
C GLN A 49 -15.36 15.28 0.93
N ILE A 50 -16.64 14.95 0.80
CA ILE A 50 -17.05 13.90 -0.13
C ILE A 50 -16.48 14.24 -1.50
N LYS A 51 -16.62 15.51 -1.88
CA LYS A 51 -16.14 16.00 -3.16
C LYS A 51 -14.64 15.75 -3.34
N GLN A 52 -13.87 15.96 -2.28
CA GLN A 52 -12.43 15.74 -2.34
C GLN A 52 -12.14 14.23 -2.46
N TYR A 53 -12.81 13.43 -1.64
CA TYR A 53 -12.61 11.99 -1.64
C TYR A 53 -12.91 11.36 -2.97
N LYS A 54 -13.77 12.00 -3.74
CA LYS A 54 -14.10 11.45 -5.06
C LYS A 54 -13.01 11.76 -6.06
N ARG A 55 -12.45 12.97 -6.01
CA ARG A 55 -11.39 13.34 -6.95
C ARG A 55 -10.20 12.43 -6.68
N LEU A 56 -10.05 12.02 -5.42
CA LEU A 56 -8.97 11.13 -5.04
C LEU A 56 -9.22 9.77 -5.68
N LEU A 57 -10.47 9.31 -5.60
CA LEU A 57 -10.83 8.02 -6.17
C LEU A 57 -10.63 8.04 -7.67
N ASP A 58 -11.07 9.11 -8.32
CA ASP A 58 -10.90 9.21 -9.76
C ASP A 58 -9.44 8.97 -10.15
N ARG A 59 -8.52 9.62 -9.44
CA ARG A 59 -7.10 9.44 -9.75
C ARG A 59 -6.71 7.99 -9.63
N LEU A 60 -7.57 7.20 -9.01
CA LEU A 60 -7.29 5.80 -8.82
C LEU A 60 -7.98 5.00 -9.92
N ILE A 61 -9.28 5.21 -10.03
CA ILE A 61 -10.15 4.56 -10.98
C ILE A 61 -9.91 4.84 -12.46
N ILE A 62 -9.85 6.12 -12.83
CA ILE A 62 -9.67 6.52 -14.23
C ILE A 62 -8.59 5.78 -15.02
N PRO A 63 -7.39 5.61 -14.44
CA PRO A 63 -6.32 4.90 -15.16
C PRO A 63 -6.65 3.42 -15.39
N LEU A 64 -7.26 2.81 -14.38
CA LEU A 64 -7.64 1.42 -14.47
C LEU A 64 -8.70 1.28 -15.54
N TYR A 65 -9.44 2.36 -15.75
CA TYR A 65 -10.48 2.38 -16.75
C TYR A 65 -9.84 2.46 -18.12
N ASP A 66 -9.13 3.55 -18.38
CA ASP A 66 -8.44 3.74 -19.66
C ASP A 66 -7.74 2.45 -20.07
N GLY A 67 -7.10 1.79 -19.09
CA GLY A 67 -6.41 0.55 -19.37
C GLY A 67 -7.37 -0.55 -19.79
N LEU A 68 -8.46 -0.69 -19.04
CA LEU A 68 -9.44 -1.72 -19.36
C LEU A 68 -10.04 -1.45 -20.72
N ARG A 69 -10.21 -0.17 -21.06
CA ARG A 69 -10.77 0.20 -22.35
C ARG A 69 -9.75 -0.13 -23.43
N LEU A 70 -8.48 0.03 -23.14
CA LEU A 70 -7.47 -0.27 -24.14
C LEU A 70 -7.44 -1.77 -24.36
N GLN A 71 -7.46 -2.53 -23.27
CA GLN A 71 -7.45 -3.98 -23.37
C GLN A 71 -8.61 -4.46 -24.24
N LYS A 72 -9.83 -4.05 -23.89
CA LYS A 72 -11.02 -4.43 -24.65
C LYS A 72 -10.85 -3.98 -26.10
N ASP A 73 -10.30 -2.78 -26.27
CA ASP A 73 -10.07 -2.18 -27.58
C ASP A 73 -9.24 -3.12 -28.47
N VAL A 74 -8.22 -3.74 -27.88
CA VAL A 74 -7.37 -4.65 -28.62
C VAL A 74 -7.93 -6.06 -28.75
N ILE A 75 -8.17 -6.70 -27.61
CA ILE A 75 -8.70 -8.08 -27.59
C ILE A 75 -9.90 -8.30 -28.51
N VAL A 76 -10.84 -7.36 -28.52
CA VAL A 76 -12.03 -7.48 -29.35
C VAL A 76 -12.07 -6.38 -30.42
N SER A 124 -44.53 81.06 50.43
CA SER A 124 -43.51 80.21 49.85
C SER A 124 -42.95 79.24 50.88
N ASP A 125 -43.70 78.18 51.19
CA ASP A 125 -43.24 77.16 52.13
C ASP A 125 -43.77 75.77 51.79
N ILE A 126 -45.04 75.71 51.37
CA ILE A 126 -45.63 74.44 50.97
C ILE A 126 -44.95 74.16 49.63
N GLU A 127 -44.83 75.25 48.86
CA GLU A 127 -44.22 75.26 47.53
C GLU A 127 -42.79 74.73 47.53
N LYS A 128 -42.11 74.85 48.66
CA LYS A 128 -40.74 74.35 48.78
C LYS A 128 -40.82 72.83 48.82
N LEU A 129 -41.77 72.31 49.59
CA LEU A 129 -41.99 70.88 49.69
C LEU A 129 -42.49 70.41 48.30
N LYS A 130 -43.24 71.27 47.62
CA LYS A 130 -43.75 70.96 46.30
C LYS A 130 -42.59 70.74 45.33
N GLU A 131 -41.77 71.78 45.14
CA GLU A 131 -40.63 71.70 44.23
C GLU A 131 -39.60 70.65 44.65
N ALA A 132 -39.63 70.26 45.92
CA ALA A 132 -38.70 69.24 46.40
C ALA A 132 -39.14 67.91 45.81
N ILE A 133 -40.44 67.79 45.54
CA ILE A 133 -40.99 66.59 44.94
C ILE A 133 -40.64 66.64 43.46
N ARG A 134 -40.95 67.76 42.81
CA ARG A 134 -40.62 67.91 41.40
C ARG A 134 -39.19 67.44 41.16
N ASP A 135 -38.27 67.90 42.01
CA ASP A 135 -36.87 67.53 41.89
C ASP A 135 -36.75 66.01 41.91
N THR A 136 -37.01 65.41 43.06
CA THR A 136 -36.92 63.96 43.21
C THR A 136 -37.64 63.24 42.04
N ASN A 137 -38.74 63.81 41.56
CA ASN A 137 -39.45 63.21 40.43
C ASN A 137 -38.57 63.20 39.18
N LYS A 138 -38.09 64.36 38.77
CA LYS A 138 -37.23 64.46 37.59
C LYS A 138 -36.02 63.52 37.78
N ALA A 139 -35.64 63.29 39.04
CA ALA A 139 -34.54 62.39 39.34
C ALA A 139 -34.94 60.97 38.99
N VAL A 140 -36.19 60.61 39.27
CA VAL A 140 -36.67 59.25 38.98
C VAL A 140 -36.80 59.07 37.47
N GLN A 141 -37.23 60.12 36.79
CA GLN A 141 -37.38 60.07 35.34
C GLN A 141 -36.09 59.82 34.59
N SER A 142 -34.95 60.18 35.18
CA SER A 142 -33.68 59.97 34.49
C SER A 142 -33.21 58.55 34.80
N VAL A 143 -33.39 58.14 36.05
CA VAL A 143 -33.03 56.80 36.44
C VAL A 143 -33.81 55.85 35.52
N GLN A 144 -34.85 56.37 34.88
CA GLN A 144 -35.64 55.55 33.99
C GLN A 144 -34.81 55.38 32.73
N SER A 145 -34.58 56.47 32.00
CA SER A 145 -33.78 56.40 30.78
C SER A 145 -32.49 55.63 31.01
N SER A 146 -31.99 55.65 32.24
CA SER A 146 -30.79 54.90 32.57
C SER A 146 -31.12 53.43 32.29
N ILE A 147 -32.11 52.91 33.00
CA ILE A 147 -32.56 51.52 32.85
C ILE A 147 -32.96 51.28 31.40
N GLY A 148 -33.68 52.23 30.82
CA GLY A 148 -34.11 52.10 29.45
C GLY A 148 -32.96 51.86 28.49
N ASN A 149 -31.74 52.09 28.96
CA ASN A 149 -30.57 51.87 28.13
C ASN A 149 -29.91 50.55 28.47
N LEU A 150 -29.87 50.20 29.75
CA LEU A 150 -29.31 48.91 30.13
C LEU A 150 -30.11 47.79 29.47
N ILE A 151 -31.41 48.02 29.23
CA ILE A 151 -32.24 47.02 28.59
C ILE A 151 -31.76 46.86 27.16
N VAL A 152 -31.66 47.96 26.42
CA VAL A 152 -31.18 47.89 25.05
C VAL A 152 -29.81 47.24 25.04
N ALA A 153 -28.94 47.64 25.96
CA ALA A 153 -27.62 47.05 26.03
C ALA A 153 -27.81 45.55 26.17
N ILE A 154 -28.57 45.15 27.18
CA ILE A 154 -28.82 43.73 27.41
C ILE A 154 -29.45 43.04 26.23
N LYS A 155 -30.36 43.71 25.53
CA LYS A 155 -30.96 43.07 24.38
C LYS A 155 -29.88 42.85 23.29
N SER A 156 -29.09 43.88 23.03
CA SER A 156 -28.03 43.80 22.04
C SER A 156 -27.13 42.59 22.32
N VAL A 157 -26.80 42.37 23.58
CA VAL A 157 -25.99 41.21 23.96
C VAL A 157 -26.69 39.93 23.50
N GLN A 158 -27.97 39.82 23.81
CA GLN A 158 -28.75 38.64 23.42
C GLN A 158 -28.61 38.38 21.93
N ASP A 159 -29.06 39.35 21.14
CA ASP A 159 -29.00 39.22 19.69
C ASP A 159 -27.60 38.92 19.16
N TYR A 160 -26.56 39.40 19.84
CA TYR A 160 -25.21 39.09 19.40
C TYR A 160 -25.06 37.58 19.55
N VAL A 161 -25.17 37.12 20.79
CA VAL A 161 -25.09 35.70 21.09
C VAL A 161 -25.89 34.83 20.10
N ASN A 162 -27.04 35.32 19.66
CA ASN A 162 -27.87 34.55 18.75
C ASN A 162 -27.51 34.70 17.28
N LYS A 163 -27.12 35.90 16.87
CA LYS A 163 -26.76 36.13 15.47
C LYS A 163 -25.33 35.78 15.11
N GLU A 164 -24.43 35.74 16.08
CA GLU A 164 -23.04 35.45 15.78
C GLU A 164 -22.47 34.23 16.49
N ILE A 165 -22.31 34.32 17.80
CA ILE A 165 -21.74 33.22 18.57
C ILE A 165 -22.37 31.85 18.39
N VAL A 166 -23.66 31.72 18.66
CA VAL A 166 -24.32 30.41 18.48
C VAL A 166 -24.06 29.85 17.09
N PRO A 167 -24.40 30.60 16.02
CA PRO A 167 -24.18 30.13 14.64
C PRO A 167 -22.75 29.64 14.43
N SER A 168 -21.76 30.39 14.91
CA SER A 168 -20.38 29.98 14.77
C SER A 168 -20.23 28.60 15.39
N ILE A 169 -20.52 28.50 16.68
CA ILE A 169 -20.43 27.22 17.38
C ILE A 169 -21.06 26.13 16.52
N ALA A 170 -22.15 26.47 15.87
CA ALA A 170 -22.83 25.51 15.00
C ALA A 170 -21.92 25.13 13.85
N ARG A 171 -21.60 26.11 13.02
CA ARG A 171 -20.73 25.89 11.87
C ARG A 171 -19.52 25.06 12.28
N LEU A 172 -18.80 25.50 13.30
CA LEU A 172 -17.61 24.77 13.72
C LEU A 172 -17.89 23.29 13.79
N GLY A 173 -18.98 22.93 14.48
CA GLY A 173 -19.33 21.54 14.62
C GLY A 173 -19.61 20.86 13.29
N CYS A 174 -20.24 21.58 12.38
CA CYS A 174 -20.57 21.04 11.07
C CYS A 174 -19.23 20.71 10.41
N GLU A 175 -18.33 21.69 10.36
CA GLU A 175 -17.02 21.49 9.75
C GLU A 175 -16.34 20.27 10.38
N ALA A 176 -16.42 20.17 11.71
CA ALA A 176 -15.81 19.07 12.42
C ALA A 176 -16.53 17.73 12.21
N ALA A 177 -17.75 17.77 11.72
CA ALA A 177 -18.46 16.51 11.48
C ALA A 177 -17.94 16.08 10.13
N GLY A 178 -17.79 17.07 9.25
CA GLY A 178 -17.28 16.81 7.92
C GLY A 178 -15.92 16.20 8.02
N LEU A 179 -15.03 16.86 8.77
CA LEU A 179 -13.68 16.34 8.94
C LEU A 179 -13.70 14.88 9.40
N GLN A 180 -14.46 14.61 10.44
CA GLN A 180 -14.58 13.27 10.99
C GLN A 180 -14.85 12.26 9.88
N LEU A 181 -15.56 12.68 8.85
CA LEU A 181 -15.87 11.81 7.71
C LEU A 181 -14.64 11.64 6.82
N GLY A 182 -13.83 12.69 6.71
CA GLY A 182 -12.63 12.63 5.90
C GLY A 182 -11.73 11.53 6.44
N ILE A 183 -11.61 11.49 7.76
CA ILE A 183 -10.79 10.47 8.40
C ILE A 183 -11.31 9.10 7.98
N ALA A 184 -12.63 8.95 8.03
CA ALA A 184 -13.29 7.69 7.67
C ALA A 184 -12.95 7.26 6.26
N LEU A 185 -13.27 8.12 5.29
CA LEU A 185 -13.01 7.82 3.90
C LEU A 185 -11.52 7.52 3.67
N THR A 186 -10.65 8.33 4.28
CA THR A 186 -9.22 8.14 4.14
C THR A 186 -8.76 6.78 4.65
N GLN A 187 -9.22 6.37 5.82
CA GLN A 187 -8.83 5.05 6.30
C GLN A 187 -9.37 4.01 5.33
N HIS A 188 -10.50 4.30 4.68
CA HIS A 188 -11.03 3.33 3.73
C HIS A 188 -10.12 3.26 2.53
N TYR A 189 -9.90 4.40 1.88
CA TYR A 189 -9.02 4.43 0.72
C TYR A 189 -7.69 3.75 1.10
N SER A 190 -7.18 4.03 2.29
CA SER A 190 -5.94 3.42 2.72
C SER A 190 -6.08 1.90 2.69
N GLU A 191 -6.99 1.37 3.51
CA GLU A 191 -7.21 -0.06 3.56
C GLU A 191 -7.51 -0.67 2.19
N LEU A 192 -8.35 0.03 1.43
CA LEU A 192 -8.73 -0.43 0.10
C LEU A 192 -7.48 -0.69 -0.72
N THR A 193 -6.65 0.34 -0.88
CA THR A 193 -5.43 0.21 -1.66
C THR A 193 -4.45 -0.84 -1.14
N ASN A 194 -4.26 -0.92 0.17
CA ASN A 194 -3.33 -1.91 0.69
C ASN A 194 -3.73 -3.33 0.29
N ILE A 195 -5.03 -3.63 0.30
CA ILE A 195 -5.47 -4.98 -0.05
C ILE A 195 -5.51 -5.23 -1.55
N PHE A 196 -6.30 -4.45 -2.26
CA PHE A 196 -6.43 -4.64 -3.70
C PHE A 196 -5.61 -3.68 -4.52
N GLY A 197 -4.62 -3.07 -3.89
CA GLY A 197 -3.79 -2.11 -4.58
C GLY A 197 -3.01 -2.63 -5.77
N ASP A 198 -2.44 -3.82 -5.65
CA ASP A 198 -1.66 -4.39 -6.75
C ASP A 198 -2.55 -4.93 -7.85
N ASN A 199 -3.81 -5.19 -7.50
CA ASN A 199 -4.79 -5.72 -8.45
C ASN A 199 -5.33 -4.58 -9.30
N ILE A 200 -5.58 -3.45 -8.65
CA ILE A 200 -6.11 -2.25 -9.30
C ILE A 200 -5.02 -1.55 -10.11
N GLY A 201 -3.77 -1.97 -9.95
CA GLY A 201 -2.67 -1.34 -10.65
C GLY A 201 -2.25 -1.95 -11.97
N SER A 202 -2.64 -3.19 -12.19
CA SER A 202 -2.29 -3.87 -13.43
C SER A 202 -3.52 -4.52 -13.97
N LEU A 203 -3.62 -4.62 -15.29
CA LEU A 203 -4.79 -5.26 -15.85
C LEU A 203 -4.47 -6.71 -16.20
N GLN A 204 -3.43 -7.22 -15.55
CA GLN A 204 -3.00 -8.60 -15.72
C GLN A 204 -3.36 -9.35 -14.44
N GLU A 205 -3.28 -10.68 -14.44
CA GLU A 205 -3.61 -11.48 -13.26
C GLU A 205 -2.64 -11.23 -12.11
N LYS A 206 -3.09 -11.47 -10.89
CA LYS A 206 -2.27 -11.26 -9.70
C LYS A 206 -2.74 -12.18 -8.58
N GLY A 207 -1.90 -12.32 -7.56
CA GLY A 207 -2.29 -13.13 -6.42
C GLY A 207 -3.23 -12.27 -5.60
N ILE A 208 -3.65 -12.74 -4.42
CA ILE A 208 -4.54 -11.94 -3.60
C ILE A 208 -4.14 -12.07 -2.14
N LYS A 209 -4.04 -10.94 -1.45
CA LYS A 209 -3.65 -10.96 -0.06
C LYS A 209 -4.67 -11.70 0.79
N LEU A 210 -4.26 -12.10 1.99
CA LEU A 210 -5.16 -12.80 2.89
C LEU A 210 -6.36 -11.95 3.20
N GLN A 211 -6.13 -10.66 3.50
CA GLN A 211 -7.23 -9.76 3.82
C GLN A 211 -8.16 -9.56 2.63
N GLY A 212 -7.75 -10.04 1.46
CA GLY A 212 -8.58 -9.89 0.28
C GLY A 212 -9.44 -11.13 0.14
N ILE A 213 -8.90 -12.24 0.58
CA ILE A 213 -9.60 -13.51 0.57
C ILE A 213 -10.66 -13.45 1.66
N ALA A 214 -10.33 -12.75 2.74
CA ALA A 214 -11.24 -12.61 3.87
C ALA A 214 -12.58 -12.03 3.49
N SER A 215 -12.70 -11.50 2.28
CA SER A 215 -13.96 -10.93 1.85
C SER A 215 -14.72 -11.94 0.99
N LEU A 216 -14.34 -13.21 1.09
CA LEU A 216 -15.00 -14.27 0.35
C LEU A 216 -15.67 -15.29 1.27
N TYR A 217 -15.16 -15.39 2.50
CA TYR A 217 -15.72 -16.33 3.46
C TYR A 217 -16.16 -15.58 4.71
N ARG A 218 -17.17 -16.10 5.39
CA ARG A 218 -17.67 -15.47 6.60
C ARG A 218 -16.67 -15.68 7.72
N THR A 219 -16.55 -16.93 8.19
CA THR A 219 -15.64 -17.23 9.27
C THR A 219 -14.87 -18.55 9.15
N ASN A 220 -15.08 -19.28 8.07
CA ASN A 220 -14.41 -20.56 7.85
C ASN A 220 -13.85 -20.50 6.43
N ILE A 221 -12.54 -20.34 6.29
CA ILE A 221 -11.88 -20.24 4.96
C ILE A 221 -12.40 -21.24 3.93
N THR A 222 -12.80 -22.42 4.38
CA THR A 222 -13.33 -23.44 3.48
C THR A 222 -14.45 -22.85 2.63
N GLU A 223 -15.28 -22.04 3.27
CA GLU A 223 -16.41 -21.41 2.61
C GLU A 223 -16.06 -20.51 1.43
N ILE A 224 -14.79 -20.50 1.02
CA ILE A 224 -14.37 -19.68 -0.12
C ILE A 224 -14.93 -20.31 -1.38
N PHE A 225 -14.99 -21.63 -1.37
CA PHE A 225 -15.55 -22.38 -2.48
C PHE A 225 -17.01 -22.63 -2.16
N THR A 226 -17.89 -21.89 -2.81
CA THR A 226 -19.31 -22.03 -2.58
C THR A 226 -19.96 -22.98 -3.57
N THR A 227 -19.18 -23.90 -4.13
CA THR A 227 -19.70 -24.85 -5.11
C THR A 227 -19.30 -26.28 -4.79
N SER A 228 -18.10 -26.43 -4.26
CA SER A 228 -17.58 -27.73 -3.93
C SER A 228 -17.26 -27.71 -2.44
N THR A 229 -16.70 -28.80 -1.95
CA THR A 229 -16.29 -28.91 -0.56
C THR A 229 -14.77 -29.06 -0.56
N VAL A 230 -14.06 -28.40 0.36
CA VAL A 230 -12.61 -28.51 0.34
C VAL A 230 -11.88 -28.73 1.67
N ASP A 231 -10.79 -29.49 1.59
CA ASP A 231 -9.90 -29.83 2.70
C ASP A 231 -9.31 -28.58 3.32
N LYS A 232 -8.95 -28.64 4.60
CA LYS A 232 -8.31 -27.50 5.23
C LYS A 232 -6.97 -27.50 4.48
N TYR A 233 -6.40 -28.70 4.39
CA TYR A 233 -5.13 -28.97 3.74
C TYR A 233 -5.04 -28.35 2.35
N ASP A 234 -6.00 -28.70 1.51
CA ASP A 234 -6.01 -28.19 0.14
C ASP A 234 -5.93 -26.65 0.03
N ILE A 235 -6.69 -25.93 0.85
CA ILE A 235 -6.63 -24.47 0.71
C ILE A 235 -5.29 -23.93 1.24
N TYR A 236 -4.71 -24.60 2.21
CA TYR A 236 -3.43 -24.14 2.73
C TYR A 236 -2.42 -24.14 1.57
N ASP A 237 -2.43 -25.21 0.81
CA ASP A 237 -1.53 -25.31 -0.34
C ASP A 237 -1.81 -24.16 -1.30
N LEU A 238 -3.04 -23.67 -1.30
CA LEU A 238 -3.38 -22.57 -2.19
C LEU A 238 -2.77 -21.26 -1.69
N LEU A 239 -2.86 -21.02 -0.39
CA LEU A 239 -2.32 -19.81 0.18
C LEU A 239 -0.81 -19.76 0.08
N PHE A 240 -0.17 -20.80 0.62
CA PHE A 240 1.28 -20.91 0.63
C PHE A 240 1.90 -20.80 -0.76
N THR A 241 1.08 -21.07 -1.76
CA THR A 241 1.50 -21.06 -3.15
C THR A 241 0.98 -19.85 -3.90
N GLU A 242 0.02 -19.16 -3.30
CA GLU A 242 -0.59 -18.00 -3.92
C GLU A 242 -1.02 -18.42 -5.31
N SER A 243 -1.92 -19.39 -5.37
CA SER A 243 -2.43 -19.93 -6.63
C SER A 243 -3.75 -19.27 -6.98
N ILE A 244 -4.46 -18.78 -5.96
CA ILE A 244 -5.72 -18.11 -6.20
C ILE A 244 -5.36 -16.85 -6.95
N LYS A 245 -5.93 -16.67 -8.13
CA LYS A 245 -5.63 -15.48 -8.91
C LYS A 245 -6.83 -14.57 -9.09
N VAL A 246 -6.56 -13.27 -9.14
CA VAL A 246 -7.59 -12.25 -9.30
C VAL A 246 -7.31 -11.35 -10.50
N ARG A 247 -8.33 -11.08 -11.32
CA ARG A 247 -8.13 -10.18 -12.45
C ARG A 247 -9.28 -9.17 -12.52
N VAL A 248 -8.94 -7.89 -12.60
CA VAL A 248 -9.96 -6.85 -12.65
C VAL A 248 -10.66 -6.85 -14.00
N ILE A 249 -11.98 -7.06 -13.97
CA ILE A 249 -12.80 -7.12 -15.17
C ILE A 249 -13.48 -5.84 -15.58
N ASP A 250 -13.95 -5.05 -14.62
CA ASP A 250 -14.60 -3.81 -15.00
C ASP A 250 -14.56 -2.71 -13.94
N VAL A 251 -14.86 -1.49 -14.39
CA VAL A 251 -14.83 -0.33 -13.51
C VAL A 251 -16.00 0.60 -13.81
N ASP A 252 -16.79 0.92 -12.79
CA ASP A 252 -17.93 1.81 -12.98
C ASP A 252 -17.56 3.17 -12.41
N LEU A 253 -17.29 4.13 -13.28
CA LEU A 253 -16.90 5.46 -12.88
C LEU A 253 -17.97 6.26 -12.16
N ASN A 254 -19.20 5.75 -12.10
CA ASN A 254 -20.29 6.47 -11.45
C ASN A 254 -20.61 6.00 -10.04
N ASP A 255 -20.59 4.70 -9.82
CA ASP A 255 -20.84 4.14 -8.50
C ASP A 255 -19.53 4.13 -7.73
N TYR A 256 -18.43 4.19 -8.48
CA TYR A 256 -17.11 4.13 -7.89
C TYR A 256 -17.00 2.73 -7.35
N SER A 257 -16.98 1.77 -8.29
CA SER A 257 -16.88 0.36 -7.99
C SER A 257 -16.01 -0.32 -9.03
N ILE A 258 -15.22 -1.29 -8.57
CA ILE A 258 -14.35 -2.07 -9.44
C ILE A 258 -14.78 -3.52 -9.28
N THR A 259 -14.95 -4.24 -10.39
CA THR A 259 -15.36 -5.63 -10.35
C THR A 259 -14.18 -6.57 -10.63
N LEU A 260 -13.89 -7.47 -9.69
CA LEU A 260 -12.79 -8.42 -9.85
C LEU A 260 -13.28 -9.83 -10.06
N GLN A 261 -12.52 -10.59 -10.84
CA GLN A 261 -12.86 -11.99 -11.09
C GLN A 261 -11.78 -12.87 -10.47
N VAL A 262 -12.14 -13.61 -9.44
CA VAL A 262 -11.16 -14.48 -8.79
C VAL A 262 -11.37 -15.91 -9.24
N ARG A 263 -10.28 -16.60 -9.51
CA ARG A 263 -10.38 -17.97 -9.93
C ARG A 263 -9.63 -18.83 -8.94
N LEU A 264 -10.40 -19.68 -8.23
CA LEU A 264 -9.90 -20.58 -7.20
C LEU A 264 -9.63 -21.98 -7.74
N PRO A 265 -8.38 -22.45 -7.62
CA PRO A 265 -8.08 -23.78 -8.13
C PRO A 265 -8.61 -24.90 -7.25
N LEU A 266 -9.01 -25.98 -7.92
CA LEU A 266 -9.50 -27.20 -7.28
C LEU A 266 -8.43 -28.21 -7.63
N LEU A 267 -7.66 -28.61 -6.63
CA LEU A 267 -6.57 -29.53 -6.91
C LEU A 267 -7.00 -30.96 -7.05
N THR A 268 -6.42 -31.65 -8.02
CA THR A 268 -6.69 -33.05 -8.27
C THR A 268 -5.50 -33.83 -7.72
N ARG A 269 -5.73 -34.66 -6.71
CA ARG A 269 -4.64 -35.45 -6.10
C ARG A 269 -4.28 -36.65 -6.98
N LEU A 270 -3.01 -37.07 -6.95
CA LEU A 270 -2.55 -38.23 -7.74
C LEU A 270 -2.13 -39.42 -6.90
N LEU A 271 -2.77 -40.56 -7.16
CA LEU A 271 -2.52 -41.79 -6.44
C LEU A 271 -1.15 -42.43 -6.66
N ASN A 272 -0.41 -42.59 -5.57
CA ASN A 272 0.89 -43.23 -5.65
C ASN A 272 1.93 -42.51 -6.48
N THR A 273 2.06 -41.21 -6.29
CA THR A 273 3.08 -40.48 -7.02
C THR A 273 3.89 -39.70 -6.02
N GLN A 274 5.20 -39.89 -6.08
CA GLN A 274 6.12 -39.21 -5.18
C GLN A 274 7.26 -38.56 -5.97
N ILE A 275 7.58 -37.32 -5.63
CA ILE A 275 8.64 -36.58 -6.30
C ILE A 275 9.74 -36.27 -5.28
N TYR A 276 10.94 -36.79 -5.53
CA TYR A 276 12.06 -36.54 -4.63
C TYR A 276 13.05 -35.59 -5.26
N ARG A 277 13.84 -34.92 -4.42
CA ARG A 277 14.89 -34.04 -4.93
C ARG A 277 16.16 -34.87 -4.82
N VAL A 278 17.07 -34.73 -5.78
CA VAL A 278 18.31 -35.48 -5.71
C VAL A 278 19.51 -34.62 -6.01
N ASP A 279 20.55 -34.79 -5.18
CA ASP A 279 21.80 -34.07 -5.34
C ASP A 279 22.84 -35.17 -5.41
N SER A 280 23.81 -35.02 -6.30
CA SER A 280 24.88 -36.01 -6.42
C SER A 280 26.19 -35.29 -6.14
N ILE A 281 27.07 -36.01 -5.45
CA ILE A 281 28.37 -35.49 -5.07
C ILE A 281 29.39 -36.54 -5.51
N SER A 282 30.66 -36.16 -5.55
CA SER A 282 31.71 -37.10 -5.93
C SER A 282 31.84 -38.13 -4.82
N TYR A 283 32.37 -39.30 -5.12
CA TYR A 283 32.52 -40.30 -4.09
C TYR A 283 33.79 -41.12 -4.34
N ASN A 284 34.41 -41.59 -3.26
CA ASN A 284 35.65 -42.37 -3.39
C ASN A 284 35.48 -43.86 -3.14
N ILE A 285 36.08 -44.66 -4.02
CA ILE A 285 36.06 -46.12 -3.92
C ILE A 285 37.49 -46.56 -4.17
N GLN A 286 38.15 -47.00 -3.10
CA GLN A 286 39.55 -47.39 -3.16
C GLN A 286 40.26 -46.03 -3.25
N ASN A 287 41.12 -45.83 -4.25
CA ASN A 287 41.80 -44.54 -4.32
C ASN A 287 41.46 -43.77 -5.60
N ARG A 288 40.25 -43.99 -6.10
CA ARG A 288 39.79 -43.30 -7.31
C ARG A 288 38.52 -42.51 -6.97
N GLU A 289 38.36 -41.33 -7.57
CA GLU A 289 37.20 -40.49 -7.31
C GLU A 289 36.21 -40.46 -8.47
N TRP A 290 34.94 -40.74 -8.17
CA TRP A 290 33.89 -40.77 -9.18
C TRP A 290 32.77 -39.77 -8.94
N TYR A 291 31.94 -39.58 -9.96
CA TYR A 291 30.81 -38.64 -9.89
C TYR A 291 29.71 -39.02 -10.86
N ILE A 292 28.46 -38.95 -10.42
CA ILE A 292 27.32 -39.29 -11.27
C ILE A 292 26.36 -38.13 -11.42
N PRO A 293 26.30 -37.52 -12.60
CA PRO A 293 25.38 -36.40 -12.78
C PRO A 293 23.98 -36.95 -13.06
N LEU A 294 22.99 -36.42 -12.36
CA LEU A 294 21.59 -36.84 -12.53
C LEU A 294 20.67 -35.64 -12.56
N PRO A 295 19.40 -35.83 -12.97
CA PRO A 295 18.49 -34.69 -13.00
C PRO A 295 18.23 -34.21 -11.58
N SER A 296 17.57 -33.07 -11.43
CA SER A 296 17.32 -32.50 -10.11
C SER A 296 16.22 -33.19 -9.31
N HIS A 297 15.21 -33.72 -9.98
CA HIS A 297 14.11 -34.38 -9.30
C HIS A 297 13.70 -35.72 -9.92
N ILE A 298 13.41 -36.69 -9.05
CA ILE A 298 13.00 -38.02 -9.49
C ILE A 298 11.53 -38.23 -9.15
N MET A 299 10.85 -39.05 -9.95
CA MET A 299 9.43 -39.31 -9.73
C MET A 299 9.16 -40.80 -9.53
N THR A 300 8.01 -41.10 -8.95
CA THR A 300 7.60 -42.48 -8.71
C THR A 300 6.11 -42.68 -8.87
N LYS A 301 5.71 -43.31 -9.97
CA LYS A 301 4.31 -43.59 -10.22
C LYS A 301 4.20 -45.10 -10.18
N GLY A 302 3.53 -45.61 -9.16
CA GLY A 302 3.40 -47.05 -9.04
C GLY A 302 4.79 -47.62 -8.97
N ALA A 303 5.01 -48.73 -9.66
CA ALA A 303 6.30 -49.38 -9.67
C ALA A 303 7.19 -48.86 -10.79
N PHE A 304 6.97 -47.61 -11.20
CA PHE A 304 7.78 -47.01 -12.27
C PHE A 304 8.48 -45.78 -11.74
N LEU A 305 9.69 -45.54 -12.21
CA LEU A 305 10.43 -44.36 -11.80
C LEU A 305 11.02 -43.67 -13.01
N GLY A 306 11.14 -42.35 -12.90
CA GLY A 306 11.68 -41.56 -13.97
C GLY A 306 12.01 -40.21 -13.38
N GLY A 307 12.36 -39.25 -14.22
CA GLY A 307 12.68 -37.93 -13.72
C GLY A 307 11.51 -36.98 -13.79
N ALA A 308 11.43 -36.06 -12.83
CA ALA A 308 10.34 -35.10 -12.80
C ALA A 308 10.87 -33.72 -13.14
N ASP A 309 10.27 -33.08 -14.15
CA ASP A 309 10.68 -31.73 -14.54
C ASP A 309 9.69 -30.74 -13.90
N VAL A 310 10.10 -30.17 -12.78
CA VAL A 310 9.22 -29.25 -12.06
C VAL A 310 9.32 -27.78 -12.49
N LYS A 311 9.86 -27.54 -13.68
CA LYS A 311 10.03 -26.18 -14.19
C LYS A 311 8.77 -25.33 -14.06
N GLU A 312 7.64 -25.88 -14.50
CA GLU A 312 6.36 -25.18 -14.46
C GLU A 312 5.54 -25.32 -13.17
N CYS A 313 5.97 -26.19 -12.27
CA CYS A 313 5.22 -26.40 -11.04
C CYS A 313 5.62 -25.44 -9.93
N ILE A 314 4.99 -25.61 -8.77
CA ILE A 314 5.25 -24.82 -7.58
C ILE A 314 5.29 -25.77 -6.40
N GLU A 315 6.31 -25.64 -5.57
CA GLU A 315 6.44 -26.52 -4.42
C GLU A 315 5.63 -26.04 -3.23
N ALA A 316 4.71 -26.89 -2.77
CA ALA A 316 3.88 -26.56 -1.62
C ALA A 316 4.49 -27.20 -0.38
N PHE A 317 3.70 -27.38 0.65
CA PHE A 317 4.20 -27.94 1.89
C PHE A 317 4.50 -29.44 1.84
N SER A 318 3.52 -30.23 1.43
CA SER A 318 3.70 -31.67 1.37
C SER A 318 3.58 -32.22 -0.04
N SER A 319 3.56 -31.34 -1.03
CA SER A 319 3.42 -31.77 -2.41
C SER A 319 3.61 -30.62 -3.39
N TYR A 320 3.75 -30.95 -4.68
CA TYR A 320 3.94 -29.94 -5.71
C TYR A 320 2.61 -29.76 -6.40
N ILE A 321 2.21 -28.52 -6.69
CA ILE A 321 0.96 -28.34 -7.41
C ILE A 321 1.39 -28.00 -8.85
N CYS A 322 1.05 -28.88 -9.79
CA CYS A 322 1.44 -28.70 -11.19
C CYS A 322 0.29 -28.52 -12.17
N PRO A 323 0.59 -27.91 -13.33
CA PRO A 323 -0.40 -27.68 -14.37
C PRO A 323 -0.64 -29.01 -15.06
N SER A 324 0.32 -29.92 -14.93
CA SER A 324 0.22 -31.24 -15.52
C SER A 324 1.36 -32.11 -15.05
N ASP A 325 1.16 -33.42 -15.08
CA ASP A 325 2.17 -34.38 -14.65
C ASP A 325 3.55 -33.99 -15.23
N PRO A 326 4.55 -33.79 -14.35
CA PRO A 326 5.91 -33.42 -14.71
C PRO A 326 6.87 -34.56 -15.08
N GLY A 327 6.44 -35.79 -14.88
CA GLY A 327 7.30 -36.92 -15.20
C GLY A 327 7.81 -37.03 -16.64
N PHE A 328 8.94 -37.72 -16.78
CA PHE A 328 9.56 -37.94 -18.08
C PHE A 328 10.47 -39.15 -17.93
N VAL A 329 10.79 -39.83 -19.03
CA VAL A 329 11.63 -41.02 -18.92
C VAL A 329 13.13 -40.79 -19.00
N LEU A 330 13.85 -41.56 -18.19
CA LEU A 330 15.31 -41.49 -18.15
C LEU A 330 15.82 -42.65 -18.97
N ASN A 331 17.10 -42.62 -19.34
CA ASN A 331 17.67 -43.72 -20.10
C ASN A 331 17.99 -44.89 -19.17
N HIS A 332 17.64 -46.08 -19.64
CA HIS A 332 17.85 -47.33 -18.91
C HIS A 332 18.96 -47.31 -17.87
N GLU A 333 20.07 -46.65 -18.19
CA GLU A 333 21.19 -46.57 -17.25
C GLU A 333 20.75 -45.90 -15.95
N MET A 334 20.37 -44.62 -16.03
CA MET A 334 19.94 -43.91 -14.83
C MET A 334 18.81 -44.69 -14.20
N GLU A 335 17.91 -45.17 -15.05
CA GLU A 335 16.77 -45.92 -14.57
C GLU A 335 17.16 -47.07 -13.67
N SER A 336 18.14 -47.87 -14.11
CA SER A 336 18.60 -49.01 -13.30
C SER A 336 19.45 -48.56 -12.15
N CYS A 337 20.29 -47.58 -12.40
CA CYS A 337 21.16 -47.04 -11.36
C CYS A 337 20.30 -46.64 -10.17
N LEU A 338 19.37 -45.72 -10.40
CA LEU A 338 18.48 -45.25 -9.35
C LEU A 338 17.69 -46.37 -8.70
N SER A 339 17.23 -47.31 -9.51
CA SER A 339 16.41 -48.42 -9.02
C SER A 339 17.16 -49.47 -8.21
N GLY A 340 18.49 -49.53 -8.34
CA GLY A 340 19.24 -50.51 -7.57
C GLY A 340 20.45 -51.18 -8.21
N ASN A 341 20.37 -51.48 -9.51
CA ASN A 341 21.47 -52.12 -10.24
C ASN A 341 22.60 -51.10 -10.38
N ILE A 342 23.23 -50.77 -9.25
CA ILE A 342 24.32 -49.79 -9.20
C ILE A 342 25.42 -50.01 -10.24
N SER A 343 25.51 -51.22 -10.78
CA SER A 343 26.55 -51.50 -11.75
C SER A 343 26.37 -50.69 -13.03
N GLN A 344 25.20 -50.08 -13.19
CA GLN A 344 24.92 -49.32 -14.41
C GLN A 344 25.07 -47.80 -14.32
N CYS A 345 25.28 -47.28 -13.13
CA CYS A 345 25.41 -45.83 -12.98
C CYS A 345 26.38 -45.16 -13.93
N PRO A 346 25.91 -44.10 -14.63
CA PRO A 346 26.61 -43.28 -15.61
C PRO A 346 27.72 -42.48 -14.96
N ARG A 347 28.59 -43.15 -14.22
CA ARG A 347 29.66 -42.49 -13.51
C ARG A 347 30.82 -42.05 -14.37
N THR A 348 31.42 -40.92 -13.99
CA THR A 348 32.56 -40.37 -14.72
C THR A 348 33.69 -40.13 -13.75
N VAL A 349 34.92 -40.33 -14.22
CA VAL A 349 36.06 -40.07 -13.34
C VAL A 349 36.12 -38.57 -13.28
N VAL A 350 36.33 -38.04 -12.08
CA VAL A 350 36.38 -36.61 -11.93
C VAL A 350 37.83 -36.20 -12.07
N LYS A 351 38.05 -35.21 -12.93
CA LYS A 351 39.37 -34.68 -13.21
C LYS A 351 39.36 -33.15 -13.14
N SER A 352 38.18 -32.57 -12.92
CA SER A 352 38.06 -31.12 -12.87
C SER A 352 37.56 -30.58 -11.53
N ASP A 353 38.05 -29.42 -11.12
CA ASP A 353 37.63 -28.82 -9.86
C ASP A 353 36.18 -28.40 -9.92
N ILE A 354 35.58 -28.51 -11.09
CA ILE A 354 34.20 -28.10 -11.22
C ILE A 354 33.23 -29.09 -10.57
N VAL A 355 33.48 -30.39 -10.69
CA VAL A 355 32.57 -31.36 -10.08
C VAL A 355 32.49 -31.05 -8.60
N PRO A 356 31.26 -30.94 -8.06
CA PRO A 356 31.03 -30.64 -6.65
C PRO A 356 31.36 -31.81 -5.73
N ARG A 357 32.05 -31.52 -4.64
CA ARG A 357 32.43 -32.57 -3.70
C ARG A 357 31.69 -32.45 -2.37
N TYR A 358 30.66 -31.61 -2.36
CA TYR A 358 29.84 -31.40 -1.19
C TYR A 358 28.54 -30.76 -1.61
N ALA A 359 27.51 -30.89 -0.78
CA ALA A 359 26.21 -30.33 -1.05
C ALA A 359 25.47 -30.19 0.27
N PHE A 360 24.59 -29.20 0.37
CA PHE A 360 23.85 -29.01 1.61
C PHE A 360 22.51 -29.74 1.60
N VAL A 361 22.27 -30.55 2.62
CA VAL A 361 21.01 -31.26 2.74
C VAL A 361 20.44 -31.11 4.14
N ASN A 362 19.11 -30.98 4.20
CA ASN A 362 18.36 -30.80 5.45
C ASN A 362 19.20 -30.59 6.70
N GLY A 363 19.54 -29.34 6.95
CA GLY A 363 20.32 -28.97 8.12
C GLY A 363 21.59 -29.79 8.26
N GLY A 364 22.55 -29.50 7.40
CA GLY A 364 23.80 -30.23 7.45
C GLY A 364 24.42 -30.31 6.08
N VAL A 365 25.60 -30.92 6.03
CA VAL A 365 26.33 -31.06 4.77
C VAL A 365 26.71 -32.50 4.46
N VAL A 366 26.73 -32.83 3.19
CA VAL A 366 27.14 -34.14 2.73
C VAL A 366 28.38 -33.85 1.90
N ALA A 367 29.45 -34.60 2.12
CA ALA A 367 30.65 -34.34 1.36
C ALA A 367 31.57 -35.53 1.23
N ASN A 368 32.53 -35.40 0.31
CA ASN A 368 33.54 -36.41 0.09
C ASN A 368 34.71 -35.85 0.91
N CYS A 369 34.89 -36.39 2.12
CA CYS A 369 35.92 -35.89 3.00
C CYS A 369 37.29 -36.42 2.71
N ILE A 370 37.39 -37.28 1.72
CA ILE A 370 38.68 -37.78 1.32
C ILE A 370 39.31 -36.74 0.41
N THR A 371 38.55 -36.25 -0.57
CA THR A 371 39.06 -35.26 -1.50
C THR A 371 38.83 -33.82 -1.07
N THR A 372 38.02 -33.63 -0.03
CA THR A 372 37.72 -32.29 0.47
C THR A 372 38.08 -32.31 1.93
N THR A 373 38.71 -31.26 2.44
CA THR A 373 39.06 -31.30 3.85
C THR A 373 37.93 -30.80 4.75
N CYS A 374 37.32 -31.75 5.45
CA CYS A 374 36.19 -31.51 6.34
C CYS A 374 36.67 -31.35 7.78
N THR A 375 36.45 -30.17 8.37
CA THR A 375 36.83 -29.93 9.76
C THR A 375 35.56 -30.04 10.62
N CYS A 376 35.70 -30.18 11.93
CA CYS A 376 34.52 -30.27 12.77
C CYS A 376 34.18 -28.98 13.46
N ASN A 377 34.97 -28.58 14.45
CA ASN A 377 34.66 -27.33 15.13
C ASN A 377 35.79 -26.33 15.08
N GLY A 378 36.69 -26.55 14.13
CA GLY A 378 37.82 -25.66 13.98
C GLY A 378 38.65 -26.21 12.85
N ILE A 379 39.45 -25.38 12.20
CA ILE A 379 40.25 -25.84 11.08
C ILE A 379 41.30 -26.90 11.44
N GLY A 380 41.37 -27.28 12.72
CA GLY A 380 42.33 -28.27 13.18
C GLY A 380 41.79 -29.69 13.39
N ASN A 381 40.46 -29.83 13.43
CA ASN A 381 39.83 -31.13 13.65
C ASN A 381 39.38 -31.82 12.35
N ARG A 382 40.28 -32.55 11.71
CA ARG A 382 39.94 -33.22 10.46
C ARG A 382 38.93 -34.33 10.68
N ILE A 383 37.93 -34.42 9.81
CA ILE A 383 36.89 -35.43 9.90
C ILE A 383 37.23 -36.58 8.95
N ASN A 384 37.33 -37.80 9.49
CA ASN A 384 37.65 -38.97 8.67
C ASN A 384 36.37 -39.55 8.09
N GLN A 385 36.51 -40.47 7.12
CA GLN A 385 35.37 -41.16 6.53
C GLN A 385 35.92 -42.52 6.10
N PRO A 386 35.39 -43.59 6.67
CA PRO A 386 35.81 -44.98 6.39
C PRO A 386 35.62 -45.44 4.95
N PRO A 387 36.46 -46.38 4.50
CA PRO A 387 36.34 -46.88 3.13
C PRO A 387 34.91 -47.34 2.89
N ASP A 388 34.27 -47.80 3.97
CA ASP A 388 32.89 -48.28 3.93
C ASP A 388 32.03 -47.49 2.96
N GLN A 389 31.97 -46.17 3.17
CA GLN A 389 31.16 -45.28 2.35
C GLN A 389 31.93 -44.46 1.32
N GLY A 390 31.18 -43.71 0.52
CA GLY A 390 31.78 -42.87 -0.48
C GLY A 390 31.70 -41.41 -0.04
N VAL A 391 30.85 -41.15 0.94
CA VAL A 391 30.66 -39.79 1.46
C VAL A 391 30.30 -39.81 2.94
N LYS A 392 30.51 -38.69 3.64
CA LYS A 392 30.17 -38.59 5.06
C LYS A 392 29.07 -37.55 5.22
N ILE A 393 28.11 -37.82 6.10
CA ILE A 393 27.01 -36.89 6.35
C ILE A 393 27.31 -36.09 7.60
N ILE A 394 28.00 -34.95 7.45
CA ILE A 394 28.31 -34.13 8.59
C ILE A 394 27.04 -33.42 9.07
N THR A 395 26.69 -33.63 10.34
CA THR A 395 25.51 -33.06 10.98
C THR A 395 25.81 -31.91 11.93
N HIS A 396 25.01 -30.85 11.86
CA HIS A 396 25.22 -29.70 12.74
C HIS A 396 25.06 -30.05 14.22
N LYS A 397 24.40 -31.18 14.46
CA LYS A 397 24.21 -31.68 15.81
C LYS A 397 25.62 -32.13 16.22
N GLU A 398 26.28 -32.84 15.30
CA GLU A 398 27.63 -33.35 15.51
C GLU A 398 28.65 -32.23 15.58
N CYS A 399 28.78 -31.46 14.49
CA CYS A 399 29.70 -30.33 14.43
C CYS A 399 28.86 -29.08 14.26
N ASN A 400 28.93 -28.19 15.25
CA ASN A 400 28.17 -26.94 15.22
C ASN A 400 28.59 -26.09 14.03
N THR A 401 29.90 -26.00 13.82
CA THR A 401 30.42 -25.22 12.72
C THR A 401 31.19 -26.14 11.81
N ILE A 402 30.52 -26.82 10.88
CA ILE A 402 31.22 -27.73 9.99
C ILE A 402 31.89 -26.95 8.86
N GLY A 403 33.19 -27.20 8.69
CA GLY A 403 33.94 -26.49 7.67
C GLY A 403 34.39 -27.32 6.49
N ILE A 404 34.29 -26.71 5.32
CA ILE A 404 34.69 -27.36 4.09
C ILE A 404 35.73 -26.52 3.36
N ASN A 405 36.97 -27.00 3.36
CA ASN A 405 38.09 -26.32 2.71
C ASN A 405 38.28 -24.90 3.19
N GLY A 406 37.93 -24.66 4.45
CA GLY A 406 38.09 -23.33 5.01
C GLY A 406 36.77 -22.63 5.17
N MET A 407 35.84 -22.89 4.26
CA MET A 407 34.52 -22.28 4.30
C MET A 407 33.75 -22.76 5.53
N LEU A 408 33.39 -21.82 6.37
CA LEU A 408 32.68 -22.16 7.58
C LEU A 408 31.17 -22.10 7.42
N PHE A 409 30.53 -23.18 7.81
CA PHE A 409 29.09 -23.29 7.74
C PHE A 409 28.55 -23.51 9.14
N ASN A 410 27.95 -22.46 9.70
CA ASN A 410 27.43 -22.50 11.06
C ASN A 410 25.92 -22.67 11.07
N THR A 411 25.36 -22.61 12.27
CA THR A 411 23.92 -22.72 12.47
C THR A 411 23.35 -21.32 12.57
N ASN A 412 22.12 -21.13 12.13
CA ASN A 412 21.48 -19.81 12.19
C ASN A 412 21.79 -19.13 13.52
N LYS A 413 22.30 -17.90 13.45
CA LYS A 413 22.64 -17.13 14.64
C LYS A 413 21.57 -16.05 14.92
N GLU A 414 20.92 -16.12 16.08
CA GLU A 414 19.90 -15.12 16.45
C GLU A 414 20.53 -13.74 16.61
N GLY A 415 19.84 -12.71 16.13
CA GLY A 415 20.34 -11.35 16.24
C GLY A 415 19.59 -10.60 17.32
N THR A 416 19.90 -9.33 17.53
CA THR A 416 19.22 -8.57 18.58
C THR A 416 17.81 -8.17 18.12
N LEU A 417 16.80 -8.50 18.93
CA LEU A 417 15.39 -8.19 18.62
C LEU A 417 15.20 -6.74 18.18
N ALA A 418 14.33 -6.53 17.20
CA ALA A 418 14.05 -5.21 16.66
C ALA A 418 12.61 -4.82 16.90
N PHE A 419 12.32 -3.53 16.86
CA PHE A 419 10.96 -3.06 17.08
C PHE A 419 10.51 -1.94 16.12
N TYR A 420 9.33 -2.12 15.54
CA TYR A 420 8.76 -1.10 14.67
C TYR A 420 7.73 -0.49 15.59
N THR A 421 8.05 0.69 16.12
CA THR A 421 7.16 1.33 17.07
C THR A 421 6.88 2.80 16.81
N PRO A 422 5.62 3.21 16.97
CA PRO A 422 5.17 4.59 16.77
C PRO A 422 5.41 5.42 18.02
N ASN A 423 5.43 6.73 17.85
CA ASN A 423 5.65 7.63 18.97
C ASN A 423 4.40 7.66 19.85
N ASP A 424 4.60 7.70 21.16
CA ASP A 424 3.47 7.75 22.09
C ASP A 424 2.75 9.07 21.93
N ILE A 425 1.45 9.00 21.64
CA ILE A 425 0.66 10.21 21.45
C ILE A 425 -0.18 10.49 22.69
N THR A 426 -0.13 11.74 23.15
CA THR A 426 -0.91 12.18 24.30
C THR A 426 -1.75 13.33 23.77
N LEU A 427 -3.06 13.18 23.89
CA LEU A 427 -3.97 14.21 23.39
C LEU A 427 -4.18 15.31 24.42
N ASN A 428 -3.46 16.43 24.26
CA ASN A 428 -3.63 17.57 25.17
C ASN A 428 -5.02 18.10 24.87
N ASN A 429 -5.95 17.76 25.76
CA ASN A 429 -7.35 18.15 25.63
C ASN A 429 -7.60 19.55 25.05
N SER A 430 -8.88 19.82 24.81
CA SER A 430 -9.32 21.10 24.26
C SER A 430 -8.71 22.27 25.03
N VAL A 431 -9.21 23.46 24.74
CA VAL A 431 -8.75 24.66 25.41
C VAL A 431 -9.89 25.17 26.30
N ALA A 432 -9.70 25.08 27.61
CA ALA A 432 -10.70 25.48 28.59
C ALA A 432 -10.82 26.98 28.80
N LEU A 433 -12.04 27.42 29.12
CA LEU A 433 -12.35 28.83 29.37
C LEU A 433 -12.93 28.92 30.78
N ASP A 434 -12.41 29.84 31.58
CA ASP A 434 -12.93 29.99 32.93
C ASP A 434 -14.37 30.48 32.83
N PRO A 435 -15.29 29.86 33.57
CA PRO A 435 -16.69 30.30 33.50
C PRO A 435 -16.82 31.72 34.05
N ILE A 436 -17.46 32.60 33.28
CA ILE A 436 -17.64 33.99 33.71
C ILE A 436 -18.31 34.07 35.06
N ASP A 437 -17.97 35.11 35.80
CA ASP A 437 -18.57 35.31 37.11
C ASP A 437 -18.90 36.78 37.34
N ILE A 438 -20.15 37.03 37.68
CA ILE A 438 -20.64 38.38 37.92
C ILE A 438 -21.37 38.43 39.25
N SER A 439 -21.55 37.26 39.85
CA SER A 439 -22.26 37.18 41.13
C SER A 439 -21.93 38.31 42.09
N ILE A 440 -20.66 38.63 42.29
CA ILE A 440 -20.33 39.72 43.21
C ILE A 440 -21.08 41.01 42.89
N GLU A 441 -21.16 41.39 41.62
CA GLU A 441 -21.88 42.59 41.21
C GLU A 441 -23.39 42.42 41.36
N LEU A 442 -23.91 41.38 40.73
CA LEU A 442 -25.35 41.09 40.80
C LEU A 442 -25.83 40.99 42.25
N ASN A 443 -24.99 40.40 43.11
CA ASN A 443 -25.38 40.26 44.50
C ASN A 443 -25.50 41.61 45.17
N LYS A 444 -24.73 42.60 44.72
CA LYS A 444 -24.83 43.91 45.33
C LYS A 444 -26.07 44.61 44.79
N ALA A 445 -26.28 44.54 43.48
CA ALA A 445 -27.44 45.18 42.88
C ALA A 445 -28.67 44.75 43.66
N LYS A 446 -28.79 43.45 43.88
CA LYS A 446 -29.92 42.86 44.61
C LYS A 446 -29.92 43.28 46.08
N SER A 447 -28.74 43.65 46.58
CA SER A 447 -28.61 44.09 47.97
C SER A 447 -28.93 45.57 48.14
N ASP A 448 -28.63 46.37 47.13
CA ASP A 448 -28.95 47.79 47.19
C ASP A 448 -30.44 47.84 46.96
N LEU A 449 -30.87 47.08 45.96
CA LEU A 449 -32.27 46.99 45.60
C LEU A 449 -33.10 46.91 46.88
N GLU A 450 -32.85 45.89 47.68
CA GLU A 450 -33.57 45.72 48.94
C GLU A 450 -33.55 47.00 49.78
N GLU A 451 -32.36 47.52 50.08
CA GLU A 451 -32.28 48.74 50.86
C GLU A 451 -33.27 49.73 50.29
N SER A 452 -33.23 49.92 48.97
CA SER A 452 -34.15 50.83 48.34
C SER A 452 -35.57 50.61 48.84
N LYS A 453 -36.00 49.35 48.84
CA LYS A 453 -37.33 48.97 49.29
C LYS A 453 -37.61 49.41 50.72
N GLU A 454 -36.65 49.11 51.60
CA GLU A 454 -36.76 49.47 53.01
C GLU A 454 -37.01 50.96 53.17
N TRP A 455 -36.21 51.79 52.52
CA TRP A 455 -36.39 53.23 52.60
C TRP A 455 -37.81 53.60 52.16
N ILE A 456 -38.30 52.96 51.10
CA ILE A 456 -39.64 53.24 50.62
C ILE A 456 -40.64 52.79 51.67
N ARG A 457 -40.32 51.68 52.34
CA ARG A 457 -41.19 51.20 53.40
C ARG A 457 -41.29 52.31 54.43
N ARG A 458 -40.13 52.83 54.84
CA ARG A 458 -40.09 53.90 55.83
C ARG A 458 -40.77 55.16 55.37
N SER A 459 -40.59 55.53 54.12
CA SER A 459 -41.23 56.73 53.61
C SER A 459 -42.73 56.65 53.76
N ASN A 460 -43.29 55.45 53.64
CA ASN A 460 -44.73 55.26 53.76
C ASN A 460 -45.28 55.32 55.18
N GLN A 461 -44.59 54.68 56.12
CA GLN A 461 -45.08 54.72 57.50
C GLN A 461 -44.89 56.13 58.04
N LYS A 462 -43.96 56.88 57.43
CA LYS A 462 -43.71 58.26 57.83
C LYS A 462 -44.75 59.09 57.10
N LEU A 463 -45.20 58.55 55.97
CA LEU A 463 -46.20 59.22 55.16
C LEU A 463 -47.54 59.11 55.86
N ASP A 464 -47.55 58.40 56.98
CA ASP A 464 -48.77 58.25 57.73
C ASP A 464 -48.88 59.33 58.83
N SER A 465 -49.76 60.29 58.53
CA SER A 465 -50.04 61.41 59.41
C SER A 465 -51.51 61.78 59.22
N ILE A 466 -52.36 61.10 59.98
CA ILE A 466 -53.81 61.28 59.95
C ILE A 466 -54.28 61.99 61.23
N ILE B 4 5.56 -26.68 -40.68
CA ILE B 4 4.87 -27.52 -39.63
C ILE B 4 3.48 -27.95 -40.09
N THR B 5 2.85 -28.92 -39.42
CA THR B 5 1.52 -29.41 -39.85
C THR B 5 0.45 -29.90 -38.84
N LYS B 6 -0.09 -31.08 -39.18
CA LYS B 6 -1.10 -31.82 -38.43
C LYS B 6 -0.41 -33.17 -38.11
N LEU B 7 0.37 -33.14 -37.04
CA LEU B 7 1.15 -34.27 -36.51
C LEU B 7 0.41 -34.91 -35.33
N GLN B 8 -0.86 -34.55 -35.17
CA GLN B 8 -1.62 -35.10 -34.06
C GLN B 8 -1.63 -36.61 -34.11
N HIS B 9 -1.41 -37.16 -35.29
CA HIS B 9 -1.42 -38.60 -35.44
C HIS B 9 -0.26 -39.29 -34.76
N VAL B 10 0.73 -38.52 -34.34
CA VAL B 10 1.88 -39.09 -33.67
C VAL B 10 1.98 -38.55 -32.26
N GLY B 11 0.95 -37.82 -31.85
CA GLY B 11 0.92 -37.30 -30.50
C GLY B 11 1.53 -35.95 -30.25
N VAL B 12 2.02 -35.25 -31.27
CA VAL B 12 2.58 -33.93 -31.00
C VAL B 12 1.48 -32.92 -31.29
N LEU B 13 1.30 -32.00 -30.35
CA LEU B 13 0.23 -31.01 -30.47
C LEU B 13 0.80 -29.60 -30.49
N VAL B 14 0.72 -28.97 -31.64
CA VAL B 14 1.22 -27.62 -31.77
C VAL B 14 0.10 -26.63 -31.44
N ASN B 15 0.17 -26.04 -30.25
CA ASN B 15 -0.83 -25.09 -29.76
C ASN B 15 -0.70 -23.66 -30.24
N SER B 16 -1.36 -22.79 -29.49
CA SER B 16 -1.43 -21.35 -29.70
C SER B 16 -0.27 -20.74 -30.48
N PRO B 17 -0.58 -20.20 -31.64
CA PRO B 17 0.42 -19.60 -32.52
C PRO B 17 0.67 -18.08 -32.33
N LYS B 18 1.80 -17.70 -31.75
CA LYS B 18 2.07 -16.27 -31.55
C LYS B 18 3.28 -15.69 -32.29
N GLY B 19 3.19 -14.39 -32.60
CA GLY B 19 4.25 -13.70 -33.31
C GLY B 19 5.40 -13.37 -32.38
N MET B 20 6.41 -12.67 -32.88
CA MET B 20 7.55 -12.36 -32.03
C MET B 20 8.16 -10.97 -32.21
N LYS B 21 8.43 -10.30 -31.10
CA LYS B 21 9.03 -8.95 -31.12
C LYS B 21 10.22 -8.94 -30.18
N ILE B 22 11.28 -8.23 -30.55
CA ILE B 22 12.44 -8.14 -29.67
C ILE B 22 12.50 -6.75 -29.08
N SER B 23 12.97 -6.66 -27.84
CA SER B 23 13.04 -5.40 -27.15
C SER B 23 14.46 -4.98 -26.86
N GLN B 24 14.93 -3.99 -27.61
CA GLN B 24 16.29 -3.47 -27.42
C GLN B 24 16.28 -1.95 -27.40
N ASN B 25 15.43 -1.35 -28.23
CA ASN B 25 15.32 0.10 -28.31
C ASN B 25 14.50 0.60 -27.12
N PHE B 26 15.11 1.42 -26.28
CA PHE B 26 14.44 1.96 -25.11
C PHE B 26 14.23 3.46 -25.21
N GLU B 27 13.23 3.97 -24.49
CA GLU B 27 12.99 5.40 -24.44
C GLU B 27 13.00 5.82 -23.00
N THR B 28 14.08 6.49 -22.60
CA THR B 28 14.24 6.97 -21.25
C THR B 28 13.35 8.17 -21.04
N ARG B 29 12.82 8.29 -19.83
CA ARG B 29 11.94 9.39 -19.48
C ARG B 29 11.97 9.54 -17.97
N TYR B 30 12.20 10.76 -17.49
CA TYR B 30 12.26 11.02 -16.05
C TYR B 30 10.94 11.47 -15.47
N LEU B 31 10.67 11.03 -14.25
CA LEU B 31 9.44 11.37 -13.56
C LEU B 31 9.80 11.93 -12.21
N ILE B 32 9.27 13.10 -11.88
CA ILE B 32 9.57 13.76 -10.61
C ILE B 32 8.46 13.69 -9.58
N LEU B 33 8.72 13.02 -8.47
CA LEU B 33 7.74 12.90 -7.38
C LEU B 33 7.86 13.99 -6.34
N SER B 34 6.79 14.75 -6.16
CA SER B 34 6.75 15.83 -5.17
C SER B 34 5.87 15.33 -4.02
N LEU B 35 6.49 15.03 -2.88
CA LEU B 35 5.77 14.50 -1.72
C LEU B 35 5.00 15.52 -0.89
N ILE B 36 5.39 16.78 -0.98
CA ILE B 36 4.73 17.80 -0.23
C ILE B 36 4.36 18.90 -1.21
N PRO B 37 3.06 19.27 -1.25
CA PRO B 37 2.63 20.32 -2.18
C PRO B 37 2.93 21.70 -1.61
N LYS B 38 2.79 22.73 -2.45
CA LYS B 38 3.04 24.09 -2.01
C LYS B 38 1.89 24.51 -1.11
N ILE B 39 2.19 24.83 0.15
CA ILE B 39 1.17 25.23 1.11
C ILE B 39 1.16 26.73 1.38
N GLU B 40 -0.04 27.30 1.36
CA GLU B 40 -0.21 28.73 1.61
C GLU B 40 -1.17 28.91 2.79
N ASP B 41 -0.61 29.01 3.99
CA ASP B 41 -1.43 29.21 5.18
C ASP B 41 -1.02 30.52 5.85
N SER B 42 -1.82 31.55 5.59
CA SER B 42 -1.58 32.88 6.12
C SER B 42 -1.36 33.00 7.63
N ASN B 43 -2.28 32.46 8.42
CA ASN B 43 -2.20 32.54 9.87
C ASN B 43 -1.49 31.35 10.53
N SER B 44 -0.80 30.56 9.73
CA SER B 44 -0.08 29.39 10.22
C SER B 44 -0.94 28.46 11.09
N CYS B 45 -2.15 28.17 10.64
CA CYS B 45 -3.03 27.29 11.40
C CYS B 45 -2.57 25.84 11.26
N GLY B 46 -1.97 25.51 10.13
CA GLY B 46 -1.55 24.13 9.93
C GLY B 46 -0.09 23.88 10.19
N ASP B 47 0.55 24.76 10.96
CA ASP B 47 1.95 24.58 11.25
C ASP B 47 2.25 23.16 11.73
N GLN B 48 1.79 22.82 12.94
CA GLN B 48 2.03 21.49 13.48
C GLN B 48 1.80 20.35 12.50
N GLN B 49 0.62 20.35 11.90
CA GLN B 49 0.26 19.31 10.95
C GLN B 49 1.27 19.14 9.82
N ILE B 50 1.95 20.22 9.46
CA ILE B 50 2.96 20.19 8.40
C ILE B 50 4.27 19.63 8.94
N LYS B 51 4.64 20.07 10.13
CA LYS B 51 5.86 19.60 10.76
C LYS B 51 5.73 18.09 10.96
N GLN B 52 4.50 17.65 11.20
CA GLN B 52 4.23 16.23 11.43
C GLN B 52 4.33 15.41 10.15
N TYR B 53 3.71 15.92 9.10
CA TYR B 53 3.72 15.24 7.82
C TYR B 53 5.15 15.07 7.35
N LYS B 54 5.96 16.12 7.48
CA LYS B 54 7.35 16.04 7.06
C LYS B 54 8.07 14.98 7.87
N ARG B 55 7.83 14.96 9.18
CA ARG B 55 8.49 13.95 10.01
C ARG B 55 8.11 12.59 9.46
N LEU B 56 6.93 12.49 8.83
CA LEU B 56 6.46 11.24 8.24
C LEU B 56 7.13 10.94 6.90
N LEU B 57 7.38 11.98 6.11
CA LEU B 57 8.03 11.80 4.82
C LEU B 57 9.50 11.41 5.03
N ASP B 58 10.07 11.86 6.14
CA ASP B 58 11.47 11.53 6.41
C ASP B 58 11.62 10.06 6.72
N ARG B 59 10.68 9.51 7.48
CA ARG B 59 10.75 8.11 7.85
C ARG B 59 10.50 7.25 6.61
N LEU B 60 10.14 7.90 5.51
CA LEU B 60 9.91 7.22 4.25
C LEU B 60 11.05 7.51 3.27
N ILE B 61 11.46 8.77 3.18
CA ILE B 61 12.54 9.18 2.29
C ILE B 61 13.93 8.67 2.74
N ILE B 62 14.39 9.13 3.89
CA ILE B 62 15.68 8.74 4.43
C ILE B 62 16.15 7.37 3.95
N PRO B 63 15.45 6.29 4.34
CA PRO B 63 15.87 4.95 3.92
C PRO B 63 16.23 4.84 2.44
N LEU B 64 15.43 5.43 1.57
CA LEU B 64 15.70 5.37 0.15
C LEU B 64 17.03 6.07 -0.07
N TYR B 65 17.23 7.17 0.65
CA TYR B 65 18.47 7.93 0.57
C TYR B 65 19.60 7.01 0.98
N ASP B 66 19.70 6.73 2.28
CA ASP B 66 20.73 5.83 2.78
C ASP B 66 21.01 4.70 1.79
N GLY B 67 19.97 4.22 1.14
CA GLY B 67 20.12 3.14 0.19
C GLY B 67 20.87 3.51 -1.07
N LEU B 68 20.48 4.63 -1.68
CA LEU B 68 21.13 5.10 -2.89
C LEU B 68 22.58 5.42 -2.60
N ARG B 69 22.83 6.04 -1.45
CA ARG B 69 24.19 6.42 -1.04
C ARG B 69 25.06 5.17 -1.05
N LEU B 70 24.59 4.11 -0.41
CA LEU B 70 25.33 2.86 -0.37
C LEU B 70 25.65 2.36 -1.78
N GLN B 71 24.72 2.60 -2.69
CA GLN B 71 24.89 2.17 -4.06
C GLN B 71 25.97 2.96 -4.78
N LYS B 72 25.82 4.27 -4.88
CA LYS B 72 26.82 5.12 -5.55
C LYS B 72 28.15 4.94 -4.85
N ASP B 73 28.08 4.65 -3.56
CA ASP B 73 29.26 4.46 -2.74
C ASP B 73 30.02 3.23 -3.24
N VAL B 74 29.27 2.22 -3.69
CA VAL B 74 29.84 0.97 -4.16
C VAL B 74 30.09 0.88 -5.65
N ILE B 75 29.20 1.47 -6.45
CA ILE B 75 29.34 1.43 -7.89
C ILE B 75 30.46 2.34 -8.40
N VAL B 76 30.85 3.31 -7.58
CA VAL B 76 31.91 4.24 -7.96
C VAL B 76 32.84 4.52 -6.79
N ARG B 123 -42.48 67.78 64.81
CA ARG B 123 -43.31 66.61 64.55
C ARG B 123 -44.67 67.01 63.98
N SER B 124 -44.68 67.98 63.08
CA SER B 124 -45.90 68.47 62.44
C SER B 124 -46.22 67.71 61.16
N ASP B 125 -47.12 68.24 60.35
CA ASP B 125 -47.48 67.59 59.09
C ASP B 125 -46.40 67.89 58.06
N ILE B 126 -45.90 69.13 58.07
CA ILE B 126 -44.87 69.52 57.12
C ILE B 126 -43.50 68.93 57.49
N GLU B 127 -43.34 68.61 58.77
CA GLU B 127 -42.10 68.00 59.22
C GLU B 127 -42.20 66.51 58.88
N LYS B 128 -43.41 65.98 58.97
CA LYS B 128 -43.66 64.58 58.65
C LYS B 128 -43.55 64.36 57.14
N LEU B 129 -44.02 65.34 56.36
CA LEU B 129 -43.97 65.22 54.90
C LEU B 129 -42.55 65.14 54.35
N LYS B 130 -41.60 65.81 54.98
CA LYS B 130 -40.25 65.74 54.46
C LYS B 130 -39.46 64.54 55.01
N GLU B 131 -39.70 64.15 56.26
CA GLU B 131 -38.99 63.00 56.81
C GLU B 131 -39.31 61.83 55.86
N ALA B 132 -40.41 61.97 55.14
CA ALA B 132 -40.87 60.95 54.20
C ALA B 132 -40.26 61.15 52.83
N ILE B 133 -40.01 62.40 52.44
CA ILE B 133 -39.41 62.67 51.13
C ILE B 133 -37.91 62.38 51.17
N ARG B 134 -37.29 62.60 52.33
CA ARG B 134 -35.87 62.33 52.49
C ARG B 134 -35.75 60.82 52.39
N ASP B 135 -36.75 60.11 52.93
CA ASP B 135 -36.79 58.66 52.87
C ASP B 135 -36.89 58.21 51.41
N THR B 136 -37.77 58.86 50.65
CA THR B 136 -37.95 58.55 49.25
C THR B 136 -36.61 58.72 48.53
N ASN B 137 -35.94 59.83 48.81
CA ASN B 137 -34.65 60.10 48.17
C ASN B 137 -33.60 59.06 48.52
N LYS B 138 -33.53 58.67 49.78
CA LYS B 138 -32.56 57.65 50.17
C LYS B 138 -32.87 56.35 49.39
N ALA B 139 -34.14 56.13 49.06
CA ALA B 139 -34.55 54.94 48.30
C ALA B 139 -34.15 55.05 46.83
N VAL B 140 -34.18 56.26 46.29
CA VAL B 140 -33.77 56.50 44.92
C VAL B 140 -32.25 56.38 44.89
N GLN B 141 -31.61 56.77 45.99
CA GLN B 141 -30.17 56.68 46.06
C GLN B 141 -29.80 55.20 45.89
N SER B 142 -30.32 54.34 46.77
CA SER B 142 -30.07 52.91 46.71
C SER B 142 -30.32 52.30 45.32
N VAL B 143 -31.26 52.88 44.58
CA VAL B 143 -31.56 52.38 43.24
C VAL B 143 -30.37 52.69 42.33
N GLN B 144 -29.93 53.94 42.36
CA GLN B 144 -28.79 54.36 41.54
C GLN B 144 -27.60 53.44 41.81
N SER B 145 -27.34 53.16 43.08
CA SER B 145 -26.23 52.29 43.44
C SER B 145 -26.37 50.95 42.75
N SER B 146 -27.61 50.46 42.69
CA SER B 146 -27.89 49.17 42.06
C SER B 146 -27.67 49.27 40.56
N ILE B 147 -28.18 50.34 39.95
CA ILE B 147 -28.02 50.53 38.51
C ILE B 147 -26.55 50.55 38.16
N GLY B 148 -25.74 50.96 39.13
CA GLY B 148 -24.31 51.00 38.91
C GLY B 148 -23.71 49.61 38.92
N ASN B 149 -24.01 48.85 39.97
CA ASN B 149 -23.48 47.50 40.05
C ASN B 149 -23.95 46.68 38.86
N LEU B 150 -24.99 47.17 38.20
CA LEU B 150 -25.50 46.48 37.02
C LEU B 150 -24.77 46.93 35.77
N ILE B 151 -24.56 48.23 35.61
CA ILE B 151 -23.85 48.74 34.45
C ILE B 151 -22.48 48.07 34.42
N VAL B 152 -21.92 47.83 35.60
CA VAL B 152 -20.62 47.17 35.69
C VAL B 152 -20.74 45.74 35.17
N ALA B 153 -21.57 44.96 35.84
CA ALA B 153 -21.82 43.57 35.49
C ALA B 153 -22.08 43.38 33.99
N ILE B 154 -22.69 44.36 33.36
CA ILE B 154 -22.98 44.25 31.93
C ILE B 154 -21.72 44.35 31.09
N LYS B 155 -20.93 45.42 31.25
CA LYS B 155 -19.69 45.59 30.48
C LYS B 155 -18.91 44.31 30.63
N SER B 156 -18.82 43.84 31.87
CA SER B 156 -18.12 42.61 32.21
C SER B 156 -18.56 41.49 31.26
N VAL B 157 -19.86 41.31 31.10
CA VAL B 157 -20.38 40.29 30.19
C VAL B 157 -19.77 40.52 28.81
N GLN B 158 -19.94 41.72 28.28
CA GLN B 158 -19.40 42.08 26.98
C GLN B 158 -17.92 41.69 26.89
N ASP B 159 -17.11 42.29 27.75
CA ASP B 159 -15.68 42.03 27.75
C ASP B 159 -15.36 40.54 27.66
N TYR B 160 -16.07 39.72 28.43
CA TYR B 160 -15.84 38.28 28.42
C TYR B 160 -16.04 37.71 27.03
N VAL B 161 -17.19 37.99 26.43
CA VAL B 161 -17.42 37.46 25.09
C VAL B 161 -16.37 37.98 24.10
N ASN B 162 -15.86 39.19 24.33
CA ASN B 162 -14.85 39.75 23.43
C ASN B 162 -13.41 39.34 23.73
N LYS B 163 -13.11 39.15 25.00
CA LYS B 163 -11.76 38.79 25.41
C LYS B 163 -11.57 37.31 25.70
N GLU B 164 -12.62 36.51 25.56
CA GLU B 164 -12.45 35.09 25.82
C GLU B 164 -13.25 34.14 24.94
N ILE B 165 -14.45 34.54 24.55
CA ILE B 165 -15.24 33.68 23.69
C ILE B 165 -14.85 33.88 22.22
N VAL B 166 -15.12 35.06 21.66
CA VAL B 166 -14.75 35.30 20.27
C VAL B 166 -13.39 34.68 19.93
N PRO B 167 -12.34 35.01 20.70
CA PRO B 167 -11.02 34.43 20.42
C PRO B 167 -11.13 32.92 20.38
N SER B 168 -11.66 32.36 21.46
CA SER B 168 -11.84 30.93 21.60
C SER B 168 -12.49 30.32 20.35
N ILE B 169 -13.43 31.04 19.76
CA ILE B 169 -14.12 30.57 18.56
C ILE B 169 -13.15 30.53 17.39
N ALA B 170 -12.37 31.60 17.24
CA ALA B 170 -11.40 31.67 16.14
C ALA B 170 -10.31 30.61 16.25
N ARG B 171 -9.78 30.42 17.47
CA ARG B 171 -8.75 29.42 17.67
C ARG B 171 -9.29 28.09 17.16
N LEU B 172 -10.43 27.67 17.70
CA LEU B 172 -11.07 26.43 17.28
C LEU B 172 -11.15 26.39 15.77
N GLY B 173 -11.47 27.53 15.18
CA GLY B 173 -11.56 27.63 13.73
C GLY B 173 -10.21 27.35 13.10
N CYS B 174 -9.16 27.82 13.74
CA CYS B 174 -7.81 27.59 13.25
C CYS B 174 -7.55 26.07 13.30
N GLU B 175 -7.49 25.53 14.53
CA GLU B 175 -7.26 24.10 14.71
C GLU B 175 -7.91 23.25 13.60
N ALA B 176 -9.12 23.60 13.20
CA ALA B 176 -9.79 22.84 12.16
C ALA B 176 -9.03 22.98 10.83
N ALA B 177 -8.80 24.22 10.39
CA ALA B 177 -8.08 24.45 9.14
C ALA B 177 -6.82 23.60 9.15
N GLY B 178 -6.19 23.49 10.32
CA GLY B 178 -5.01 22.66 10.42
C GLY B 178 -5.41 21.22 10.13
N LEU B 179 -6.31 20.69 10.94
CA LEU B 179 -6.79 19.32 10.78
C LEU B 179 -7.22 19.00 9.35
N GLN B 180 -7.80 19.98 8.68
CA GLN B 180 -8.23 19.75 7.32
C GLN B 180 -7.03 19.50 6.41
N LEU B 181 -5.96 20.22 6.67
CA LEU B 181 -4.74 20.08 5.89
C LEU B 181 -4.23 18.65 6.07
N GLY B 182 -4.17 18.21 7.33
CA GLY B 182 -3.71 16.86 7.63
C GLY B 182 -4.46 15.83 6.81
N ILE B 183 -5.78 15.98 6.66
CA ILE B 183 -6.54 15.02 5.89
C ILE B 183 -5.90 14.99 4.51
N ALA B 184 -5.73 16.17 3.92
CA ALA B 184 -5.13 16.28 2.59
C ALA B 184 -3.78 15.58 2.53
N LEU B 185 -2.83 16.07 3.31
CA LEU B 185 -1.51 15.49 3.35
C LEU B 185 -1.58 13.97 3.52
N THR B 186 -2.36 13.51 4.49
CA THR B 186 -2.48 12.09 4.74
C THR B 186 -2.92 11.38 3.48
N GLN B 187 -3.94 11.90 2.82
CA GLN B 187 -4.42 11.27 1.59
C GLN B 187 -3.31 11.23 0.57
N HIS B 188 -2.69 12.38 0.31
CA HIS B 188 -1.61 12.43 -0.68
C HIS B 188 -0.60 11.34 -0.41
N TYR B 189 -0.14 11.28 0.82
CA TYR B 189 0.84 10.27 1.23
C TYR B 189 0.30 8.91 0.86
N SER B 190 -0.97 8.68 1.19
CA SER B 190 -1.60 7.40 0.91
C SER B 190 -1.61 7.10 -0.57
N GLU B 191 -2.19 7.99 -1.36
CA GLU B 191 -2.23 7.81 -2.80
C GLU B 191 -0.84 7.60 -3.40
N LEU B 192 0.13 8.41 -2.98
CA LEU B 192 1.47 8.29 -3.54
C LEU B 192 2.20 7.03 -3.13
N THR B 193 2.00 6.56 -1.90
CA THR B 193 2.69 5.35 -1.50
C THR B 193 2.08 4.13 -2.15
N ASN B 194 0.89 4.26 -2.72
CA ASN B 194 0.28 3.12 -3.36
C ASN B 194 0.90 2.99 -4.72
N ILE B 195 0.83 4.07 -5.49
CA ILE B 195 1.39 4.11 -6.82
C ILE B 195 2.89 3.75 -6.87
N PHE B 196 3.72 4.58 -6.24
CA PHE B 196 5.15 4.34 -6.27
C PHE B 196 5.80 3.71 -5.03
N GLY B 197 5.01 3.23 -4.09
CA GLY B 197 5.56 2.66 -2.89
C GLY B 197 6.42 1.41 -3.04
N ASP B 198 6.20 0.68 -4.13
CA ASP B 198 6.94 -0.54 -4.40
C ASP B 198 8.32 -0.17 -4.94
N ASN B 199 8.36 0.91 -5.72
CA ASN B 199 9.57 1.42 -6.32
C ASN B 199 10.44 2.07 -5.26
N ILE B 200 9.81 2.94 -4.48
CA ILE B 200 10.44 3.66 -3.39
C ILE B 200 11.05 2.74 -2.33
N GLY B 201 10.63 1.48 -2.29
CA GLY B 201 11.13 0.57 -1.28
C GLY B 201 12.24 -0.39 -1.67
N SER B 202 12.61 -0.41 -2.94
CA SER B 202 13.68 -1.29 -3.41
C SER B 202 14.55 -0.43 -4.27
N LEU B 203 15.75 -0.90 -4.59
CA LEU B 203 16.60 -0.11 -5.47
C LEU B 203 16.94 -0.89 -6.73
N GLN B 204 16.19 -1.98 -6.91
CA GLN B 204 16.32 -2.80 -8.09
C GLN B 204 15.18 -2.30 -9.00
N GLU B 205 15.25 -2.53 -10.30
CA GLU B 205 14.18 -2.05 -11.18
C GLU B 205 12.89 -2.76 -10.86
N LYS B 206 11.79 -2.05 -11.01
CA LYS B 206 10.49 -2.61 -10.71
C LYS B 206 9.52 -2.18 -11.80
N GLY B 207 8.40 -2.89 -11.91
CA GLY B 207 7.40 -2.53 -12.90
C GLY B 207 6.75 -1.21 -12.47
N ILE B 208 5.72 -0.79 -13.19
CA ILE B 208 5.05 0.46 -12.85
C ILE B 208 3.53 0.31 -13.02
N LYS B 209 2.77 0.74 -12.00
CA LYS B 209 1.31 0.63 -12.02
C LYS B 209 0.63 1.53 -13.05
N LEU B 210 -0.60 1.18 -13.39
CA LEU B 210 -1.36 1.95 -14.36
C LEU B 210 -1.45 3.38 -13.90
N GLN B 211 -1.85 3.56 -12.65
CA GLN B 211 -1.96 4.89 -12.09
C GLN B 211 -0.60 5.58 -11.99
N GLY B 212 0.47 4.82 -12.21
CA GLY B 212 1.81 5.40 -12.19
C GLY B 212 2.05 5.92 -13.60
N ILE B 213 1.69 5.09 -14.59
CA ILE B 213 1.82 5.46 -15.98
C ILE B 213 0.89 6.64 -16.24
N ALA B 214 -0.10 6.77 -15.38
CA ALA B 214 -1.10 7.83 -15.49
C ALA B 214 -0.57 9.24 -15.62
N SER B 215 0.67 9.48 -15.16
CA SER B 215 1.22 10.82 -15.24
C SER B 215 2.25 11.05 -16.35
N LEU B 216 2.28 10.14 -17.32
CA LEU B 216 3.21 10.27 -18.44
C LEU B 216 2.42 10.76 -19.65
N TYR B 217 1.14 10.38 -19.72
CA TYR B 217 0.29 10.81 -20.81
C TYR B 217 -0.82 11.69 -20.25
N ARG B 218 -1.54 12.40 -21.12
CA ARG B 218 -2.63 13.27 -20.67
C ARG B 218 -4.00 12.66 -21.01
N THR B 219 -4.17 12.21 -22.24
CA THR B 219 -5.44 11.62 -22.68
C THR B 219 -5.28 10.23 -23.30
N ASN B 220 -4.57 10.14 -24.43
CA ASN B 220 -4.32 8.85 -25.06
C ASN B 220 -3.16 8.19 -24.29
N ILE B 221 -3.22 6.87 -24.10
CA ILE B 221 -2.15 6.18 -23.38
C ILE B 221 -0.96 6.04 -24.31
N THR B 222 -1.13 6.53 -25.52
CA THR B 222 -0.10 6.48 -26.54
C THR B 222 0.96 7.55 -26.32
N GLU B 223 0.53 8.71 -25.82
CA GLU B 223 1.43 9.82 -25.54
C GLU B 223 2.47 9.45 -24.48
N ILE B 224 2.50 8.17 -24.14
CA ILE B 224 3.45 7.64 -23.18
C ILE B 224 4.83 7.85 -23.78
N PHE B 225 5.02 7.34 -25.00
CA PHE B 225 6.27 7.52 -25.71
C PHE B 225 6.18 8.90 -26.35
N THR B 226 7.23 9.71 -26.23
CA THR B 226 7.23 11.06 -26.79
C THR B 226 8.39 11.29 -27.74
N THR B 227 8.96 10.22 -28.28
CA THR B 227 10.06 10.33 -29.21
C THR B 227 9.77 9.51 -30.45
N SER B 228 8.72 8.70 -30.38
CA SER B 228 8.31 7.86 -31.48
C SER B 228 6.79 7.87 -31.51
N THR B 229 6.23 6.88 -32.20
CA THR B 229 4.80 6.69 -32.32
C THR B 229 4.60 5.20 -32.07
N VAL B 230 3.69 4.83 -31.17
CA VAL B 230 3.49 3.43 -30.85
C VAL B 230 2.07 2.87 -30.98
N ASP B 231 1.94 1.71 -31.61
CA ASP B 231 0.64 1.03 -31.80
C ASP B 231 -0.07 0.87 -30.47
N LYS B 232 -1.39 0.97 -30.50
CA LYS B 232 -2.15 0.74 -29.28
C LYS B 232 -1.75 -0.69 -28.91
N TYR B 233 -1.59 -1.52 -29.94
CA TYR B 233 -1.22 -2.91 -29.81
C TYR B 233 0.08 -3.13 -29.06
N ASP B 234 1.04 -2.25 -29.32
CA ASP B 234 2.33 -2.35 -28.69
C ASP B 234 2.33 -1.98 -27.22
N ILE B 235 1.59 -0.94 -26.85
CA ILE B 235 1.57 -0.59 -25.43
C ILE B 235 0.76 -1.63 -24.67
N TYR B 236 -0.23 -2.25 -25.30
CA TYR B 236 -1.00 -3.26 -24.58
C TYR B 236 -0.08 -4.42 -24.25
N ASP B 237 0.83 -4.77 -25.15
CA ASP B 237 1.75 -5.85 -24.86
C ASP B 237 2.73 -5.40 -23.78
N LEU B 238 2.99 -4.09 -23.72
CA LEU B 238 3.89 -3.56 -22.71
C LEU B 238 3.22 -3.57 -21.36
N LEU B 239 1.92 -3.32 -21.34
CA LEU B 239 1.18 -3.31 -20.09
C LEU B 239 0.97 -4.73 -19.65
N PHE B 240 0.40 -5.53 -20.53
CA PHE B 240 0.11 -6.93 -20.23
C PHE B 240 1.36 -7.65 -19.76
N THR B 241 2.51 -7.01 -19.95
CA THR B 241 3.78 -7.60 -19.58
C THR B 241 4.52 -6.84 -18.50
N GLU B 242 4.10 -5.62 -18.23
CA GLU B 242 4.78 -4.82 -17.22
C GLU B 242 6.26 -4.85 -17.62
N SER B 243 6.51 -4.56 -18.89
CA SER B 243 7.86 -4.52 -19.43
C SER B 243 8.44 -3.17 -19.09
N ILE B 244 7.55 -2.18 -18.98
CA ILE B 244 7.95 -0.84 -18.63
C ILE B 244 8.53 -0.92 -17.22
N LYS B 245 9.79 -0.55 -17.07
CA LYS B 245 10.44 -0.59 -15.76
C LYS B 245 10.80 0.81 -15.29
N VAL B 246 10.82 1.02 -13.98
CA VAL B 246 11.18 2.32 -13.42
C VAL B 246 12.16 2.05 -12.29
N ARG B 247 13.27 2.80 -12.29
CA ARG B 247 14.31 2.65 -11.27
C ARG B 247 14.51 3.95 -10.54
N VAL B 248 14.62 3.87 -9.21
CA VAL B 248 14.81 5.08 -8.42
C VAL B 248 16.23 5.57 -8.62
N ILE B 249 16.31 6.81 -9.08
CA ILE B 249 17.56 7.43 -9.40
C ILE B 249 18.12 8.32 -8.31
N ASP B 250 17.38 9.34 -7.93
CA ASP B 250 17.89 10.25 -6.94
C ASP B 250 16.82 10.77 -6.01
N VAL B 251 17.20 11.00 -4.75
CA VAL B 251 16.28 11.51 -3.74
C VAL B 251 16.79 12.81 -3.17
N ASP B 252 15.89 13.77 -2.94
CA ASP B 252 16.22 15.07 -2.38
C ASP B 252 15.54 15.27 -1.01
N LEU B 253 16.32 15.25 0.06
CA LEU B 253 15.82 15.41 1.43
C LEU B 253 15.31 16.80 1.82
N ASN B 254 15.61 17.82 1.03
CA ASN B 254 15.19 19.18 1.34
C ASN B 254 13.86 19.56 0.74
N ASP B 255 13.71 19.34 -0.56
CA ASP B 255 12.47 19.67 -1.25
C ASP B 255 11.50 18.50 -1.21
N TYR B 256 11.89 17.44 -0.51
CA TYR B 256 11.07 16.24 -0.40
C TYR B 256 10.53 15.85 -1.77
N SER B 257 11.45 15.38 -2.62
CA SER B 257 11.10 14.96 -3.97
C SER B 257 11.88 13.70 -4.28
N ILE B 258 11.37 12.91 -5.22
CA ILE B 258 12.05 11.70 -5.61
C ILE B 258 12.09 11.67 -7.12
N THR B 259 13.27 11.38 -7.68
CA THR B 259 13.40 11.34 -9.12
C THR B 259 13.41 9.88 -9.54
N LEU B 260 12.60 9.55 -10.56
CA LEU B 260 12.49 8.19 -11.06
C LEU B 260 12.77 8.13 -12.55
N GLN B 261 13.45 7.09 -12.99
CA GLN B 261 13.69 6.96 -14.41
C GLN B 261 12.83 5.85 -15.00
N VAL B 262 11.97 6.20 -15.95
CA VAL B 262 11.10 5.23 -16.60
C VAL B 262 11.72 4.70 -17.89
N ARG B 263 11.94 3.39 -17.97
CA ARG B 263 12.51 2.78 -19.15
C ARG B 263 11.36 2.21 -20.01
N LEU B 264 11.11 2.85 -21.16
CA LEU B 264 10.05 2.46 -22.07
C LEU B 264 10.55 1.73 -23.32
N PRO B 265 10.38 0.40 -23.37
CA PRO B 265 10.81 -0.39 -24.52
C PRO B 265 10.08 -0.09 -25.82
N LEU B 266 10.82 -0.17 -26.92
CA LEU B 266 10.29 0.05 -28.27
C LEU B 266 10.44 -1.27 -29.02
N LEU B 267 9.33 -1.92 -29.26
CA LEU B 267 9.36 -3.21 -29.88
C LEU B 267 9.55 -3.26 -31.39
N THR B 268 10.44 -4.15 -31.81
CA THR B 268 10.75 -4.38 -33.21
C THR B 268 10.05 -5.69 -33.56
N ARG B 269 9.32 -5.73 -34.66
CA ARG B 269 8.61 -6.96 -35.03
C ARG B 269 9.27 -7.75 -36.16
N LEU B 270 9.57 -9.02 -35.89
CA LEU B 270 10.17 -9.89 -36.90
C LEU B 270 9.09 -10.36 -37.87
N LEU B 271 9.44 -10.46 -39.14
CA LEU B 271 8.48 -10.88 -40.13
C LEU B 271 8.38 -12.37 -40.32
N ASN B 272 7.21 -12.81 -40.77
CA ASN B 272 6.92 -14.22 -41.01
C ASN B 272 7.35 -15.16 -39.90
N THR B 273 7.67 -14.59 -38.75
CA THR B 273 8.10 -15.38 -37.62
C THR B 273 6.86 -15.72 -36.79
N GLN B 274 6.80 -16.96 -36.33
CA GLN B 274 5.69 -17.46 -35.52
C GLN B 274 6.20 -18.44 -34.46
N ILE B 275 5.73 -18.31 -33.23
CA ILE B 275 6.17 -19.23 -32.19
C ILE B 275 5.00 -20.07 -31.73
N TYR B 276 5.19 -21.38 -31.72
CA TYR B 276 4.13 -22.26 -31.29
C TYR B 276 4.53 -22.98 -30.01
N ARG B 277 3.53 -23.39 -29.24
CA ARG B 277 3.76 -24.15 -28.02
C ARG B 277 3.48 -25.58 -28.47
N VAL B 278 4.31 -26.53 -28.09
CA VAL B 278 4.03 -27.90 -28.50
C VAL B 278 4.09 -28.91 -27.36
N ASP B 279 3.07 -29.74 -27.31
CA ASP B 279 2.97 -30.78 -26.30
C ASP B 279 3.03 -32.10 -27.04
N SER B 280 3.60 -33.11 -26.40
CA SER B 280 3.69 -34.44 -26.99
C SER B 280 3.03 -35.43 -26.04
N ILE B 281 2.28 -36.36 -26.62
CA ILE B 281 1.55 -37.39 -25.89
C ILE B 281 1.84 -38.75 -26.54
N SER B 282 1.80 -39.82 -25.77
CA SER B 282 2.03 -41.15 -26.34
C SER B 282 0.87 -41.55 -27.26
N TYR B 283 1.17 -41.92 -28.50
CA TYR B 283 0.12 -42.31 -29.45
C TYR B 283 0.05 -43.81 -29.67
N ASN B 284 -0.96 -44.24 -30.40
CA ASN B 284 -1.11 -45.67 -30.67
C ASN B 284 -1.40 -46.00 -32.11
N ILE B 285 -0.40 -46.59 -32.77
CA ILE B 285 -0.48 -46.99 -34.17
C ILE B 285 -0.39 -48.52 -34.18
N GLN B 286 -1.43 -49.17 -34.68
CA GLN B 286 -1.50 -50.63 -34.70
C GLN B 286 -1.68 -51.00 -33.22
N ASN B 287 -0.97 -52.01 -32.76
CA ASN B 287 -1.09 -52.40 -31.36
C ASN B 287 0.08 -51.89 -30.54
N ARG B 288 1.02 -51.23 -31.19
CA ARG B 288 2.20 -50.69 -30.52
C ARG B 288 1.95 -49.25 -30.02
N GLU B 289 2.59 -48.89 -28.91
CA GLU B 289 2.45 -47.56 -28.32
C GLU B 289 3.77 -46.79 -28.38
N TRP B 290 3.74 -45.67 -29.10
CA TRP B 290 4.93 -44.82 -29.28
C TRP B 290 4.85 -43.44 -28.63
N TYR B 291 6.00 -42.78 -28.51
CA TYR B 291 6.07 -41.45 -27.91
C TYR B 291 7.20 -40.63 -28.54
N ILE B 292 6.90 -39.40 -28.93
CA ILE B 292 7.92 -38.55 -29.54
C ILE B 292 8.23 -37.31 -28.71
N PRO B 293 9.35 -37.31 -27.99
CA PRO B 293 9.78 -36.18 -27.16
C PRO B 293 10.28 -35.01 -28.01
N LEU B 294 9.72 -33.81 -27.79
CA LEU B 294 10.08 -32.62 -28.54
C LEU B 294 10.18 -31.40 -27.65
N PRO B 295 10.95 -30.37 -28.08
CA PRO B 295 11.09 -29.15 -27.28
C PRO B 295 9.73 -28.48 -27.02
N SER B 296 9.63 -27.73 -25.93
CA SER B 296 8.39 -27.07 -25.57
C SER B 296 7.92 -26.00 -26.54
N HIS B 297 8.83 -25.40 -27.26
CA HIS B 297 8.44 -24.36 -28.19
C HIS B 297 9.09 -24.52 -29.54
N ILE B 298 8.36 -24.09 -30.57
CA ILE B 298 8.83 -24.16 -31.94
C ILE B 298 8.69 -22.80 -32.59
N MET B 299 9.51 -22.57 -33.61
CA MET B 299 9.50 -21.31 -34.31
C MET B 299 9.36 -21.56 -35.79
N THR B 300 8.85 -20.55 -36.49
CA THR B 300 8.66 -20.63 -37.92
C THR B 300 9.14 -19.33 -38.52
N LYS B 301 10.20 -19.41 -39.31
CA LYS B 301 10.78 -18.22 -39.92
C LYS B 301 10.82 -18.41 -41.42
N GLY B 302 10.04 -17.60 -42.13
CA GLY B 302 10.01 -17.77 -43.56
C GLY B 302 9.51 -19.17 -43.83
N ALA B 303 10.27 -19.93 -44.60
CA ALA B 303 9.88 -21.31 -44.95
C ALA B 303 10.60 -22.34 -44.11
N PHE B 304 11.38 -21.89 -43.13
CA PHE B 304 12.12 -22.78 -42.24
C PHE B 304 11.58 -22.82 -40.82
N LEU B 305 11.91 -23.89 -40.10
CA LEU B 305 11.45 -24.03 -38.74
C LEU B 305 12.56 -24.49 -37.80
N GLY B 306 12.41 -24.15 -36.53
CA GLY B 306 13.40 -24.57 -35.56
C GLY B 306 12.79 -24.57 -34.18
N GLY B 307 13.64 -24.58 -33.16
CA GLY B 307 13.14 -24.55 -31.81
C GLY B 307 13.14 -23.12 -31.33
N ALA B 308 12.70 -22.91 -30.09
CA ALA B 308 12.68 -21.58 -29.51
C ALA B 308 12.99 -21.72 -28.05
N ASP B 309 13.95 -20.92 -27.59
CA ASP B 309 14.35 -20.91 -26.20
C ASP B 309 13.74 -19.63 -25.66
N VAL B 310 12.48 -19.73 -25.28
CA VAL B 310 11.73 -18.60 -24.77
C VAL B 310 12.01 -18.38 -23.29
N LYS B 311 12.97 -19.13 -22.74
CA LYS B 311 13.33 -19.01 -21.34
C LYS B 311 13.47 -17.55 -20.93
N GLU B 312 14.46 -16.89 -21.53
CA GLU B 312 14.79 -15.48 -21.28
C GLU B 312 13.73 -14.55 -21.89
N CYS B 313 12.61 -15.10 -22.31
CA CYS B 313 11.58 -14.34 -22.99
C CYS B 313 10.26 -14.22 -22.20
N ILE B 314 9.38 -13.28 -22.58
CA ILE B 314 8.10 -13.05 -21.88
C ILE B 314 6.90 -13.06 -22.81
N GLU B 315 6.04 -14.07 -22.66
CA GLU B 315 4.87 -14.16 -23.50
C GLU B 315 3.87 -13.06 -23.21
N ALA B 316 3.46 -12.36 -24.25
CA ALA B 316 2.49 -11.29 -24.11
C ALA B 316 1.17 -11.83 -24.65
N PHE B 317 0.40 -10.97 -25.33
CA PHE B 317 -0.90 -11.39 -25.87
C PHE B 317 -0.89 -11.90 -27.30
N SER B 318 -0.38 -11.09 -28.21
CA SER B 318 -0.34 -11.45 -29.62
C SER B 318 1.04 -11.98 -30.02
N SER B 319 1.97 -11.99 -29.07
CA SER B 319 3.32 -12.43 -29.36
C SER B 319 4.20 -12.53 -28.12
N TYR B 320 5.41 -13.03 -28.30
CA TYR B 320 6.37 -13.14 -27.21
C TYR B 320 7.26 -11.94 -27.36
N ILE B 321 7.72 -11.39 -26.24
CA ILE B 321 8.61 -10.24 -26.28
C ILE B 321 9.98 -10.67 -25.79
N CYS B 322 10.89 -10.99 -26.73
CA CYS B 322 12.23 -11.44 -26.33
C CYS B 322 13.29 -10.35 -26.40
N PRO B 323 14.40 -10.55 -25.67
CA PRO B 323 15.50 -9.60 -25.66
C PRO B 323 16.33 -9.86 -26.92
N SER B 324 15.86 -10.82 -27.71
CA SER B 324 16.53 -11.22 -28.95
C SER B 324 15.92 -12.53 -29.50
N ASP B 325 15.99 -12.70 -30.82
CA ASP B 325 15.46 -13.89 -31.50
C ASP B 325 15.83 -15.17 -30.72
N PRO B 326 14.82 -15.89 -30.20
CA PRO B 326 15.01 -17.13 -29.42
C PRO B 326 15.08 -18.43 -30.21
N GLY B 327 15.21 -18.35 -31.52
CA GLY B 327 15.25 -19.58 -32.30
C GLY B 327 16.59 -20.30 -32.37
N PHE B 328 16.51 -21.63 -32.43
CA PHE B 328 17.69 -22.47 -32.54
C PHE B 328 17.35 -23.58 -33.53
N VAL B 329 18.35 -24.26 -34.07
CA VAL B 329 18.09 -25.31 -35.04
C VAL B 329 17.97 -26.70 -34.43
N LEU B 330 17.13 -27.53 -35.03
CA LEU B 330 16.95 -28.89 -34.53
C LEU B 330 17.73 -29.82 -35.45
N ASN B 331 17.95 -31.04 -34.99
CA ASN B 331 18.66 -32.01 -35.81
C ASN B 331 17.79 -32.35 -37.02
N HIS B 332 18.43 -32.66 -38.14
CA HIS B 332 17.70 -32.98 -39.36
C HIS B 332 16.50 -33.86 -39.13
N GLU B 333 16.70 -35.01 -38.50
CA GLU B 333 15.60 -35.94 -38.25
C GLU B 333 14.37 -35.24 -37.68
N MET B 334 14.53 -34.53 -36.57
CA MET B 334 13.41 -33.84 -35.94
C MET B 334 12.88 -32.70 -36.81
N GLU B 335 13.77 -31.90 -37.36
CA GLU B 335 13.34 -30.80 -38.22
C GLU B 335 12.46 -31.40 -39.32
N SER B 336 12.96 -32.44 -39.97
CA SER B 336 12.22 -33.11 -41.03
C SER B 336 10.85 -33.59 -40.52
N CYS B 337 10.85 -34.32 -39.42
CA CYS B 337 9.63 -34.83 -38.80
C CYS B 337 8.56 -33.76 -38.67
N LEU B 338 8.93 -32.66 -38.04
CA LEU B 338 8.03 -31.52 -37.82
C LEU B 338 7.60 -30.84 -39.11
N SER B 339 8.07 -31.31 -40.27
CA SER B 339 7.69 -30.65 -41.51
C SER B 339 6.92 -31.58 -42.44
N GLY B 340 6.44 -32.69 -41.89
CA GLY B 340 5.68 -33.63 -42.71
C GLY B 340 6.26 -35.03 -42.74
N ASN B 341 7.50 -35.16 -43.20
CA ASN B 341 8.20 -36.44 -43.29
C ASN B 341 8.12 -37.12 -41.92
N ILE B 342 6.99 -37.76 -41.65
CA ILE B 342 6.75 -38.41 -40.37
C ILE B 342 7.51 -39.70 -40.16
N SER B 343 8.11 -40.21 -41.22
CA SER B 343 8.88 -41.43 -41.10
C SER B 343 10.23 -41.06 -40.52
N GLN B 344 10.39 -39.79 -40.11
CA GLN B 344 11.64 -39.32 -39.55
C GLN B 344 11.56 -38.97 -38.06
N CYS B 345 10.36 -39.01 -37.51
CA CYS B 345 10.15 -38.67 -36.11
C CYS B 345 10.84 -39.62 -35.14
N PRO B 346 11.71 -39.07 -34.28
CA PRO B 346 12.45 -39.86 -33.30
C PRO B 346 11.51 -40.44 -32.26
N ARG B 347 10.63 -41.33 -32.71
CA ARG B 347 9.67 -41.97 -31.84
C ARG B 347 10.32 -43.07 -31.00
N THR B 348 9.80 -43.27 -29.80
CA THR B 348 10.34 -44.29 -28.90
C THR B 348 9.21 -45.14 -28.38
N VAL B 349 9.45 -46.44 -28.26
CA VAL B 349 8.42 -47.33 -27.74
C VAL B 349 8.26 -47.00 -26.26
N VAL B 350 7.03 -47.01 -25.77
CA VAL B 350 6.80 -46.70 -24.37
C VAL B 350 6.53 -47.98 -23.61
N LYS B 351 7.13 -48.06 -22.43
CA LYS B 351 6.97 -49.23 -21.57
C LYS B 351 6.75 -48.81 -20.12
N SER B 352 6.59 -47.52 -19.88
CA SER B 352 6.39 -46.98 -18.53
C SER B 352 5.18 -46.07 -18.42
N ASP B 353 4.58 -46.02 -17.23
CA ASP B 353 3.42 -45.17 -17.02
C ASP B 353 3.82 -43.71 -16.85
N ILE B 354 5.13 -43.44 -16.87
CA ILE B 354 5.65 -42.08 -16.72
C ILE B 354 5.44 -41.25 -17.98
N VAL B 355 5.47 -41.91 -19.14
CA VAL B 355 5.26 -41.23 -20.41
C VAL B 355 3.84 -40.66 -20.41
N PRO B 356 3.69 -39.36 -20.68
CA PRO B 356 2.38 -38.69 -20.72
C PRO B 356 1.41 -39.28 -21.74
N ARG B 357 0.28 -39.78 -21.26
CA ARG B 357 -0.72 -40.35 -22.13
C ARG B 357 -1.88 -39.40 -22.40
N TYR B 358 -1.86 -38.25 -21.72
CA TYR B 358 -2.91 -37.25 -21.90
C TYR B 358 -2.35 -35.87 -21.67
N ALA B 359 -2.97 -34.88 -22.31
CA ALA B 359 -2.49 -33.51 -22.16
C ALA B 359 -3.62 -32.49 -22.27
N PHE B 360 -3.49 -31.42 -21.50
CA PHE B 360 -4.47 -30.36 -21.53
C PHE B 360 -4.15 -29.42 -22.68
N VAL B 361 -5.18 -29.02 -23.40
CA VAL B 361 -5.02 -28.13 -24.54
C VAL B 361 -6.29 -27.29 -24.65
N ASN B 362 -6.16 -26.09 -25.22
CA ASN B 362 -7.28 -25.16 -25.41
C ASN B 362 -8.60 -25.60 -24.78
N GLY B 363 -8.66 -25.56 -23.45
CA GLY B 363 -9.89 -25.94 -22.75
C GLY B 363 -10.47 -27.29 -23.20
N GLY B 364 -9.61 -28.29 -23.23
CA GLY B 364 -10.02 -29.61 -23.63
C GLY B 364 -8.87 -30.53 -23.29
N VAL B 365 -8.98 -31.79 -23.68
CA VAL B 365 -7.90 -32.74 -23.42
C VAL B 365 -7.61 -33.56 -24.66
N VAL B 366 -6.36 -33.94 -24.83
CA VAL B 366 -6.00 -34.78 -25.96
C VAL B 366 -5.44 -35.98 -25.21
N ALA B 367 -5.86 -37.17 -25.61
CA ALA B 367 -5.39 -38.36 -24.93
C ALA B 367 -5.31 -39.60 -25.80
N ASN B 368 -4.59 -40.59 -25.31
CA ASN B 368 -4.45 -41.87 -25.98
C ASN B 368 -5.48 -42.72 -25.26
N CYS B 369 -6.68 -42.82 -25.83
CA CYS B 369 -7.76 -43.56 -25.20
C CYS B 369 -7.71 -45.04 -25.43
N ILE B 370 -6.50 -45.54 -25.70
CA ILE B 370 -6.30 -46.96 -25.88
C ILE B 370 -5.48 -47.44 -24.68
N THR B 371 -4.50 -46.64 -24.28
CA THR B 371 -3.65 -46.98 -23.15
C THR B 371 -4.16 -46.30 -21.87
N THR B 372 -5.15 -45.43 -22.06
CA THR B 372 -5.79 -44.68 -20.97
C THR B 372 -7.26 -44.98 -21.06
N THR B 373 -7.94 -44.97 -19.92
CA THR B 373 -9.37 -45.23 -19.94
C THR B 373 -10.15 -43.90 -19.85
N CYS B 374 -10.37 -43.29 -21.02
CA CYS B 374 -11.09 -42.01 -21.12
C CYS B 374 -12.59 -42.21 -20.96
N THR B 375 -13.22 -41.45 -20.07
CA THR B 375 -14.65 -41.55 -19.84
C THR B 375 -15.30 -40.19 -20.13
N CYS B 376 -16.40 -40.20 -20.87
CA CYS B 376 -17.11 -38.98 -21.23
C CYS B 376 -18.42 -38.83 -20.50
N ASN B 377 -18.50 -37.80 -19.65
CA ASN B 377 -19.68 -37.51 -18.84
C ASN B 377 -20.04 -38.58 -17.80
N GLY B 378 -19.04 -39.27 -17.26
CA GLY B 378 -19.32 -40.30 -16.27
C GLY B 378 -18.42 -41.51 -16.46
N ILE B 379 -18.01 -42.14 -15.36
CA ILE B 379 -17.10 -43.29 -15.42
C ILE B 379 -17.57 -44.54 -16.20
N GLY B 380 -18.86 -44.61 -16.54
CA GLY B 380 -19.35 -45.76 -17.28
C GLY B 380 -19.19 -45.65 -18.78
N ASN B 381 -19.33 -44.42 -19.28
CA ASN B 381 -19.21 -44.13 -20.71
C ASN B 381 -17.75 -44.00 -21.14
N ARG B 382 -17.17 -45.08 -21.66
CA ARG B 382 -15.80 -45.02 -22.10
C ARG B 382 -15.73 -44.52 -23.55
N ILE B 383 -14.68 -43.79 -23.88
CA ILE B 383 -14.50 -43.26 -25.23
C ILE B 383 -13.55 -44.18 -25.99
N ASN B 384 -13.92 -44.53 -27.22
CA ASN B 384 -13.07 -45.42 -28.02
C ASN B 384 -12.23 -44.70 -29.06
N GLN B 385 -11.36 -45.46 -29.71
CA GLN B 385 -10.44 -44.88 -30.69
C GLN B 385 -10.05 -45.87 -31.79
N PRO B 386 -10.29 -45.51 -33.05
CA PRO B 386 -9.91 -46.46 -34.10
C PRO B 386 -8.41 -46.76 -33.96
N PRO B 387 -8.00 -48.01 -34.18
CA PRO B 387 -6.58 -48.38 -34.07
C PRO B 387 -5.70 -47.51 -34.99
N ASP B 388 -6.37 -46.75 -35.85
CA ASP B 388 -5.73 -45.86 -36.82
C ASP B 388 -5.22 -44.53 -36.23
N GLN B 389 -6.14 -43.67 -35.81
CA GLN B 389 -5.80 -42.37 -35.24
C GLN B 389 -4.86 -42.58 -34.09
N GLY B 390 -3.95 -41.63 -33.88
CA GLY B 390 -2.99 -41.79 -32.80
C GLY B 390 -3.57 -41.43 -31.45
N VAL B 391 -4.38 -40.38 -31.46
CA VAL B 391 -5.00 -39.88 -30.24
C VAL B 391 -6.40 -39.37 -30.51
N LYS B 392 -7.12 -39.10 -29.43
CA LYS B 392 -8.48 -38.58 -29.50
C LYS B 392 -8.47 -37.18 -28.91
N ILE B 393 -9.13 -36.25 -29.58
CA ILE B 393 -9.22 -34.88 -29.10
C ILE B 393 -10.54 -34.70 -28.36
N ILE B 394 -10.50 -34.75 -27.04
CA ILE B 394 -11.72 -34.60 -26.26
C ILE B 394 -12.07 -33.14 -26.00
N THR B 395 -13.27 -32.75 -26.39
CA THR B 395 -13.76 -31.39 -26.21
C THR B 395 -14.73 -31.29 -25.05
N HIS B 396 -14.69 -30.20 -24.30
CA HIS B 396 -15.65 -30.07 -23.22
C HIS B 396 -17.06 -29.92 -23.82
N LYS B 397 -17.13 -29.55 -25.10
CA LYS B 397 -18.41 -29.41 -25.77
C LYS B 397 -18.93 -30.80 -26.17
N GLU B 398 -18.01 -31.74 -26.34
CA GLU B 398 -18.38 -33.11 -26.69
C GLU B 398 -18.55 -33.85 -25.38
N CYS B 399 -17.81 -33.43 -24.36
CA CYS B 399 -17.88 -34.04 -23.02
C CYS B 399 -17.84 -32.98 -21.94
N ASN B 400 -18.98 -32.75 -21.31
CA ASN B 400 -19.05 -31.75 -20.26
C ASN B 400 -18.02 -32.09 -19.23
N THR B 401 -17.87 -33.38 -18.98
CA THR B 401 -16.91 -33.83 -17.99
C THR B 401 -16.06 -34.97 -18.52
N ILE B 402 -14.88 -34.65 -19.01
CA ILE B 402 -14.02 -35.71 -19.50
C ILE B 402 -13.27 -36.32 -18.31
N GLY B 403 -13.17 -37.63 -18.31
CA GLY B 403 -12.49 -38.32 -17.22
C GLY B 403 -11.38 -39.20 -17.75
N ILE B 404 -10.19 -39.00 -17.21
CA ILE B 404 -9.05 -39.77 -17.63
C ILE B 404 -8.60 -40.69 -16.51
N ASN B 405 -8.90 -41.96 -16.67
CA ASN B 405 -8.54 -42.96 -15.68
C ASN B 405 -9.21 -42.60 -14.37
N GLY B 406 -10.47 -42.16 -14.42
CA GLY B 406 -11.16 -41.81 -13.20
C GLY B 406 -10.91 -40.41 -12.71
N MET B 407 -9.85 -39.76 -13.18
CA MET B 407 -9.56 -38.38 -12.78
C MET B 407 -10.53 -37.50 -13.56
N LEU B 408 -11.33 -36.72 -12.85
CA LEU B 408 -12.31 -35.88 -13.50
C LEU B 408 -11.94 -34.43 -13.79
N PHE B 409 -12.08 -34.05 -15.06
CA PHE B 409 -11.79 -32.70 -15.51
C PHE B 409 -13.08 -32.12 -16.02
N ASN B 410 -13.72 -31.33 -15.16
CA ASN B 410 -15.01 -30.71 -15.44
C ASN B 410 -14.96 -29.32 -16.05
N THR B 411 -16.14 -28.74 -16.18
CA THR B 411 -16.30 -27.40 -16.70
C THR B 411 -16.14 -26.55 -15.45
N ASN B 412 -16.00 -25.24 -15.61
CA ASN B 412 -15.82 -24.38 -14.46
C ASN B 412 -17.11 -23.79 -13.92
N LYS B 413 -17.46 -24.18 -12.70
CA LYS B 413 -18.68 -23.71 -12.04
C LYS B 413 -18.46 -22.31 -11.45
N GLU B 414 -19.54 -21.55 -11.28
CA GLU B 414 -19.45 -20.19 -10.73
C GLU B 414 -20.01 -20.08 -9.32
N GLY B 415 -19.18 -19.60 -8.38
CA GLY B 415 -19.60 -19.44 -7.00
C GLY B 415 -20.38 -18.16 -6.79
N THR B 416 -20.73 -17.87 -5.55
CA THR B 416 -21.52 -16.67 -5.29
C THR B 416 -20.76 -15.35 -5.37
N LEU B 417 -21.41 -14.32 -5.91
CA LEU B 417 -20.81 -12.97 -6.02
C LEU B 417 -20.48 -12.63 -4.59
N ALA B 418 -19.41 -11.86 -4.40
CA ALA B 418 -18.96 -11.47 -3.09
C ALA B 418 -18.79 -9.98 -3.05
N PHE B 419 -18.82 -9.39 -1.85
CA PHE B 419 -18.68 -7.95 -1.72
C PHE B 419 -17.69 -7.45 -0.68
N TYR B 420 -16.95 -6.40 -1.04
CA TYR B 420 -16.02 -5.74 -0.15
C TYR B 420 -16.64 -4.36 -0.09
N THR B 421 -17.38 -4.09 0.98
CA THR B 421 -18.06 -2.82 1.14
C THR B 421 -17.88 -2.20 2.51
N PRO B 422 -17.73 -0.87 2.55
CA PRO B 422 -17.56 -0.18 3.83
C PRO B 422 -18.90 0.11 4.50
N ASN B 423 -18.94 -0.02 5.83
CA ASN B 423 -20.15 0.24 6.59
C ASN B 423 -20.70 1.60 6.19
N ASP B 424 -22.02 1.73 6.18
CA ASP B 424 -22.67 2.99 5.83
C ASP B 424 -22.33 4.07 6.86
N ILE B 425 -21.86 5.22 6.41
CA ILE B 425 -21.54 6.30 7.35
C ILE B 425 -22.64 7.35 7.24
N THR B 426 -23.20 7.72 8.39
CA THR B 426 -24.26 8.75 8.46
C THR B 426 -23.81 9.77 9.50
N LEU B 427 -23.68 11.02 9.06
CA LEU B 427 -23.23 12.10 9.91
C LEU B 427 -24.26 12.75 10.82
N ASN B 428 -24.12 12.51 12.11
CA ASN B 428 -25.01 13.11 13.09
C ASN B 428 -24.45 14.52 13.19
N ASN B 429 -25.14 15.46 12.55
CA ASN B 429 -24.74 16.87 12.51
C ASN B 429 -24.05 17.40 13.75
N SER B 430 -23.48 18.60 13.62
CA SER B 430 -22.78 19.25 14.70
C SER B 430 -23.61 19.24 15.98
N VAL B 431 -23.18 20.01 16.97
CA VAL B 431 -23.90 20.09 18.23
C VAL B 431 -24.65 21.43 18.25
N ALA B 432 -25.97 21.36 18.12
CA ALA B 432 -26.83 22.55 18.09
C ALA B 432 -27.25 23.07 19.47
N LEU B 433 -27.24 24.38 19.62
CA LEU B 433 -27.62 25.04 20.87
C LEU B 433 -28.87 25.88 20.67
N ASP B 434 -29.89 25.62 21.46
CA ASP B 434 -31.09 26.43 21.31
C ASP B 434 -30.61 27.82 21.65
N PRO B 435 -31.12 28.84 20.96
CA PRO B 435 -30.72 30.21 21.24
C PRO B 435 -31.11 30.64 22.65
N ILE B 436 -30.55 31.74 23.11
CA ILE B 436 -30.87 32.23 24.45
C ILE B 436 -32.11 33.11 24.33
N ASP B 437 -33.01 33.03 25.31
CA ASP B 437 -34.21 33.87 25.28
C ASP B 437 -34.47 34.51 26.63
N ILE B 438 -34.43 35.83 26.64
CA ILE B 438 -34.67 36.60 27.85
C ILE B 438 -35.63 37.74 27.54
N SER B 439 -36.13 37.78 26.31
CA SER B 439 -37.05 38.83 25.91
C SER B 439 -38.27 38.91 26.81
N ILE B 440 -38.51 37.85 27.59
CA ILE B 440 -39.64 37.84 28.51
C ILE B 440 -39.23 38.74 29.66
N GLU B 441 -38.19 38.33 30.35
CA GLU B 441 -37.67 39.08 31.47
C GLU B 441 -37.35 40.54 31.06
N LEU B 442 -36.97 40.76 29.81
CA LEU B 442 -36.64 42.10 29.32
C LEU B 442 -37.87 42.95 29.15
N ASN B 443 -38.96 42.34 28.70
CA ASN B 443 -40.17 43.10 28.52
C ASN B 443 -40.76 43.46 29.87
N LYS B 444 -40.62 42.57 30.84
CA LYS B 444 -41.11 42.85 32.18
C LYS B 444 -40.32 44.03 32.73
N ALA B 445 -39.31 44.46 31.99
CA ALA B 445 -38.51 45.59 32.43
C ALA B 445 -39.03 46.89 31.84
N LYS B 446 -39.14 46.98 30.51
CA LYS B 446 -39.65 48.23 29.94
C LYS B 446 -41.04 48.45 30.52
N SER B 447 -41.86 47.40 30.51
CA SER B 447 -43.22 47.51 31.04
C SER B 447 -43.21 48.21 32.39
N ASP B 448 -42.46 47.67 33.33
CA ASP B 448 -42.39 48.30 34.65
C ASP B 448 -41.92 49.75 34.55
N LEU B 449 -41.03 50.05 33.60
CA LEU B 449 -40.61 51.43 33.48
C LEU B 449 -41.80 52.27 33.01
N GLU B 450 -42.61 51.71 32.12
CA GLU B 450 -43.78 52.41 31.59
C GLU B 450 -44.84 52.63 32.67
N GLU B 451 -44.84 51.75 33.67
CA GLU B 451 -45.77 51.88 34.77
C GLU B 451 -45.19 52.99 35.61
N SER B 452 -43.88 52.95 35.80
CA SER B 452 -43.19 53.97 36.58
C SER B 452 -43.40 55.33 35.92
N LYS B 453 -43.29 55.38 34.59
CA LYS B 453 -43.47 56.65 33.90
C LYS B 453 -44.82 57.26 34.27
N GLU B 454 -45.86 56.42 34.28
CA GLU B 454 -47.22 56.85 34.61
C GLU B 454 -47.36 57.28 36.08
N TRP B 455 -46.82 56.50 37.00
CA TRP B 455 -46.86 56.85 38.43
C TRP B 455 -46.26 58.23 38.65
N ILE B 456 -45.33 58.61 37.78
CA ILE B 456 -44.70 59.91 37.87
C ILE B 456 -45.64 60.93 37.28
N ARG B 457 -46.12 60.66 36.08
CA ARG B 457 -47.05 61.57 35.44
C ARG B 457 -48.17 61.90 36.43
N ARG B 458 -48.59 60.90 37.21
CA ARG B 458 -49.65 61.09 38.20
C ARG B 458 -49.20 61.94 39.35
N SER B 459 -48.08 61.58 39.97
CA SER B 459 -47.54 62.34 41.08
C SER B 459 -47.39 63.80 40.69
N ASN B 460 -47.01 64.05 39.44
CA ASN B 460 -46.85 65.43 38.97
C ASN B 460 -48.16 66.18 38.99
N GLN B 461 -49.19 65.67 38.33
CA GLN B 461 -50.46 66.38 38.31
C GLN B 461 -51.05 66.66 39.69
N LYS B 462 -51.03 65.69 40.60
CA LYS B 462 -51.57 65.95 41.93
C LYS B 462 -50.81 67.14 42.54
N LEU B 463 -49.66 67.47 41.96
CA LEU B 463 -48.86 68.60 42.41
C LEU B 463 -49.25 69.82 41.61
N ASP B 464 -49.53 69.63 40.32
CA ASP B 464 -49.92 70.72 39.45
C ASP B 464 -51.22 71.33 39.94
N SER B 465 -51.79 70.72 40.98
CA SER B 465 -53.05 71.20 41.54
C SER B 465 -52.85 71.73 42.95
N ILE B 466 -51.66 72.20 43.28
CA ILE B 466 -51.43 72.75 44.61
C ILE B 466 -51.90 74.19 44.60
N GLY B 467 -52.98 74.45 45.34
CA GLY B 467 -53.55 75.79 45.41
C GLY B 467 -54.93 75.86 44.76
N ILE C 2 41.09 -18.12 -17.98
CA ILE C 2 41.33 -19.45 -18.62
C ILE C 2 40.67 -19.55 -20.00
N ASP C 3 40.03 -18.47 -20.44
CA ASP C 3 39.36 -18.43 -21.73
C ASP C 3 40.01 -17.40 -22.63
N ILE C 4 40.35 -17.82 -23.84
CA ILE C 4 40.97 -16.91 -24.80
C ILE C 4 39.86 -16.17 -25.54
N THR C 5 39.98 -14.86 -25.66
CA THR C 5 38.98 -14.13 -26.41
C THR C 5 39.54 -13.90 -27.80
N LYS C 6 39.67 -15.04 -28.47
CA LYS C 6 40.12 -15.22 -29.83
C LYS C 6 38.85 -15.90 -30.32
N LEU C 7 38.07 -16.31 -29.34
CA LEU C 7 36.78 -16.98 -29.53
C LEU C 7 35.92 -16.03 -30.34
N GLN C 8 36.11 -14.73 -30.11
CA GLN C 8 35.36 -13.70 -30.82
C GLN C 8 35.41 -13.91 -32.33
N HIS C 9 36.60 -14.22 -32.85
CA HIS C 9 36.76 -14.44 -34.28
C HIS C 9 36.00 -15.68 -34.73
N VAL C 10 35.36 -16.35 -33.79
CA VAL C 10 34.59 -17.54 -34.13
C VAL C 10 33.17 -17.33 -33.65
N GLY C 11 32.76 -16.06 -33.71
CA GLY C 11 31.41 -15.68 -33.33
C GLY C 11 30.97 -15.95 -31.92
N VAL C 12 31.88 -16.35 -31.05
CA VAL C 12 31.53 -16.61 -29.66
C VAL C 12 32.03 -15.50 -28.74
N LEU C 13 31.07 -14.79 -28.16
CA LEU C 13 31.33 -13.65 -27.29
C LEU C 13 31.06 -13.95 -25.82
N VAL C 14 32.05 -13.73 -24.95
CA VAL C 14 31.88 -13.95 -23.51
C VAL C 14 31.74 -12.58 -22.85
N ASN C 15 30.51 -12.25 -22.46
CA ASN C 15 30.21 -10.98 -21.83
C ASN C 15 31.03 -10.65 -20.60
N SER C 16 30.42 -9.89 -19.70
CA SER C 16 31.09 -9.44 -18.49
C SER C 16 31.39 -10.51 -17.46
N PRO C 17 32.57 -10.40 -16.85
CA PRO C 17 32.99 -11.33 -15.83
C PRO C 17 32.26 -10.96 -14.53
N LYS C 18 32.00 -11.95 -13.68
CA LYS C 18 31.33 -11.72 -12.39
C LYS C 18 31.64 -12.82 -11.39
N GLY C 19 31.77 -12.44 -10.12
CA GLY C 19 32.10 -13.40 -9.07
C GLY C 19 30.93 -14.25 -8.61
N MET C 20 31.18 -15.16 -7.68
CA MET C 20 30.11 -16.00 -7.19
C MET C 20 30.13 -16.18 -5.67
N LYS C 21 28.97 -16.11 -5.04
CA LYS C 21 28.82 -16.26 -3.59
C LYS C 21 27.76 -17.29 -3.26
N ILE C 22 27.95 -18.06 -2.19
CA ILE C 22 26.94 -19.04 -1.81
C ILE C 22 26.20 -18.55 -0.58
N SER C 23 24.90 -18.81 -0.55
CA SER C 23 24.06 -18.38 0.54
C SER C 23 23.60 -19.60 1.34
N GLN C 24 24.26 -19.86 2.46
CA GLN C 24 23.88 -20.98 3.31
C GLN C 24 23.92 -20.61 4.79
N ASN C 25 24.48 -19.45 5.10
CA ASN C 25 24.53 -18.99 6.48
C ASN C 25 23.55 -17.83 6.66
N PHE C 26 22.57 -18.04 7.53
CA PHE C 26 21.54 -17.04 7.78
C PHE C 26 21.67 -16.41 9.19
N GLU C 27 21.05 -15.26 9.39
CA GLU C 27 21.06 -14.60 10.70
C GLU C 27 19.64 -14.20 11.10
N THR C 28 18.95 -15.08 11.83
CA THR C 28 17.60 -14.83 12.29
C THR C 28 17.59 -13.62 13.20
N ARG C 29 16.51 -12.85 13.14
CA ARG C 29 16.43 -11.63 13.92
C ARG C 29 14.96 -11.21 13.95
N TYR C 30 14.38 -11.11 15.14
CA TYR C 30 12.97 -10.76 15.25
C TYR C 30 12.68 -9.28 15.22
N LEU C 31 11.57 -8.96 14.57
CA LEU C 31 11.11 -7.58 14.45
C LEU C 31 9.66 -7.57 14.94
N ILE C 32 9.41 -6.76 15.96
CA ILE C 32 8.08 -6.67 16.53
C ILE C 32 7.36 -5.42 16.06
N LEU C 33 6.22 -5.62 15.40
CA LEU C 33 5.43 -4.51 14.91
C LEU C 33 4.28 -4.22 15.88
N SER C 34 4.17 -2.96 16.31
CA SER C 34 3.08 -2.56 17.20
C SER C 34 2.25 -1.63 16.35
N LEU C 35 0.98 -1.94 16.17
CA LEU C 35 0.12 -1.16 15.30
C LEU C 35 -0.65 -0.03 15.98
N ILE C 36 -0.49 0.09 17.29
CA ILE C 36 -1.20 1.13 18.01
C ILE C 36 -0.30 1.62 19.12
N PRO C 37 -0.07 2.94 19.19
CA PRO C 37 0.78 3.55 20.23
C PRO C 37 0.06 3.74 21.55
N LYS C 38 0.82 3.92 22.63
CA LYS C 38 0.22 4.15 23.92
C LYS C 38 -0.38 5.56 23.80
N ILE C 39 -1.65 5.68 24.18
CA ILE C 39 -2.30 6.96 24.06
C ILE C 39 -2.72 7.53 25.39
N GLU C 40 -2.42 8.81 25.60
CA GLU C 40 -2.78 9.47 26.83
C GLU C 40 -3.71 10.65 26.61
N ASP C 41 -4.88 10.56 27.23
CA ASP C 41 -5.89 11.60 27.16
C ASP C 41 -6.90 11.36 28.28
N SER C 42 -6.60 11.93 29.44
CA SER C 42 -7.44 11.80 30.63
C SER C 42 -8.93 12.03 30.39
N ASN C 43 -9.24 13.04 29.57
CA ASN C 43 -10.62 13.39 29.26
C ASN C 43 -11.27 12.44 28.27
N SER C 44 -10.54 11.40 27.87
CA SER C 44 -11.04 10.43 26.92
C SER C 44 -11.75 11.11 25.74
N CYS C 45 -11.04 12.06 25.10
CA CYS C 45 -11.55 12.82 23.97
C CYS C 45 -11.35 12.10 22.64
N GLY C 46 -10.62 10.99 22.66
CA GLY C 46 -10.37 10.26 21.44
C GLY C 46 -10.88 8.83 21.49
N ASP C 47 -11.74 8.57 22.46
CA ASP C 47 -12.30 7.24 22.63
C ASP C 47 -12.97 6.73 21.37
N GLN C 48 -13.72 7.59 20.71
CA GLN C 48 -14.43 7.18 19.50
C GLN C 48 -13.49 6.87 18.35
N GLN C 49 -12.35 7.55 18.30
CA GLN C 49 -11.39 7.30 17.23
C GLN C 49 -10.64 6.01 17.49
N ILE C 50 -10.14 5.83 18.72
CA ILE C 50 -9.41 4.61 19.08
C ILE C 50 -10.26 3.42 18.68
N LYS C 51 -11.55 3.50 18.99
CA LYS C 51 -12.47 2.45 18.65
C LYS C 51 -12.40 2.24 17.14
N GLN C 52 -12.58 3.34 16.40
CA GLN C 52 -12.56 3.31 14.94
C GLN C 52 -11.26 2.72 14.42
N TYR C 53 -10.16 3.12 15.05
CA TYR C 53 -8.85 2.64 14.65
C TYR C 53 -8.70 1.16 14.93
N LYS C 54 -9.01 0.74 16.15
CA LYS C 54 -8.89 -0.67 16.47
C LYS C 54 -9.69 -1.55 15.53
N ARG C 55 -10.88 -1.11 15.12
CA ARG C 55 -11.69 -1.92 14.21
C ARG C 55 -10.97 -2.03 12.86
N LEU C 56 -10.29 -0.96 12.47
CA LEU C 56 -9.55 -0.94 11.21
C LEU C 56 -8.44 -1.98 11.27
N LEU C 57 -7.76 -2.03 12.41
CA LEU C 57 -6.69 -2.98 12.57
C LEU C 57 -7.23 -4.39 12.61
N ASP C 58 -8.39 -4.58 13.23
CA ASP C 58 -8.95 -5.92 13.31
C ASP C 58 -9.15 -6.47 11.91
N ARG C 59 -9.78 -5.70 11.04
CA ARG C 59 -10.03 -6.13 9.66
C ARG C 59 -8.72 -6.58 9.01
N LEU C 60 -7.64 -5.89 9.36
CA LEU C 60 -6.32 -6.19 8.81
C LEU C 60 -5.66 -7.40 9.45
N ILE C 61 -5.60 -7.39 10.77
CA ILE C 61 -4.97 -8.45 11.55
C ILE C 61 -5.65 -9.82 11.56
N ILE C 62 -6.96 -9.88 11.85
CA ILE C 62 -7.67 -11.15 11.93
C ILE C 62 -7.29 -12.16 10.83
N PRO C 63 -7.40 -11.77 9.55
CA PRO C 63 -7.05 -12.68 8.44
C PRO C 63 -5.62 -13.20 8.54
N LEU C 64 -4.69 -12.36 8.99
CA LEU C 64 -3.32 -12.81 9.11
C LEU C 64 -3.33 -13.89 10.16
N TYR C 65 -4.05 -13.61 11.24
CA TYR C 65 -4.17 -14.54 12.37
C TYR C 65 -4.76 -15.87 11.92
N ASP C 66 -5.96 -15.84 11.35
CA ASP C 66 -6.60 -17.07 10.89
C ASP C 66 -5.66 -17.87 10.00
N GLY C 67 -5.00 -17.18 9.07
CA GLY C 67 -4.08 -17.84 8.17
C GLY C 67 -2.96 -18.53 8.93
N LEU C 68 -2.41 -17.88 9.95
CA LEU C 68 -1.33 -18.49 10.71
C LEU C 68 -1.81 -19.74 11.45
N ARG C 69 -3.05 -19.70 11.93
CA ARG C 69 -3.65 -20.82 12.66
C ARG C 69 -3.80 -22.01 11.73
N LEU C 70 -4.28 -21.73 10.52
CA LEU C 70 -4.46 -22.79 9.52
C LEU C 70 -3.11 -23.40 9.19
N GLN C 71 -2.09 -22.57 9.08
CA GLN C 71 -0.76 -23.07 8.77
C GLN C 71 -0.24 -23.87 9.96
N LYS C 72 -0.27 -23.26 11.14
CA LYS C 72 0.22 -23.94 12.34
C LYS C 72 -0.43 -25.32 12.46
N ASP C 73 -1.67 -25.42 11.99
CA ASP C 73 -2.39 -26.68 12.05
C ASP C 73 -1.86 -27.74 11.10
N VAL C 74 -1.85 -27.42 9.80
CA VAL C 74 -1.38 -28.36 8.80
C VAL C 74 0.05 -28.83 9.03
N ILE C 75 0.92 -27.89 9.35
CA ILE C 75 2.31 -28.22 9.59
C ILE C 75 2.44 -29.16 10.77
N VAL C 76 2.25 -28.62 11.96
CA VAL C 76 2.36 -29.42 13.18
C VAL C 76 1.06 -30.18 13.48
N GLU C 118 -57.84 51.42 47.27
CA GLU C 118 -57.90 52.87 47.06
C GLU C 118 -58.06 53.62 48.37
N ALA C 119 -57.34 54.75 48.49
CA ALA C 119 -57.40 55.59 49.68
C ALA C 119 -58.25 56.81 49.36
N LYS C 120 -58.66 57.53 50.41
CA LYS C 120 -59.48 58.72 50.21
C LYS C 120 -58.75 59.68 49.26
N GLN C 121 -59.49 60.58 48.61
CA GLN C 121 -58.91 61.54 47.68
C GLN C 121 -58.37 62.79 48.37
N ALA C 122 -57.43 63.46 47.71
CA ALA C 122 -56.80 64.65 48.25
C ALA C 122 -57.62 65.92 48.14
N ARG C 123 -58.04 66.46 49.28
CA ARG C 123 -58.83 67.68 49.30
C ARG C 123 -57.93 68.91 49.52
N SER C 124 -57.27 68.97 50.67
CA SER C 124 -56.37 70.08 51.03
C SER C 124 -55.00 69.84 50.41
N ASP C 125 -54.22 70.90 50.19
CA ASP C 125 -52.92 70.67 49.57
C ASP C 125 -51.86 69.95 50.42
N ILE C 126 -52.16 69.65 51.68
CA ILE C 126 -51.19 68.89 52.48
C ILE C 126 -51.53 67.43 52.26
N GLU C 127 -52.74 67.17 51.80
CA GLU C 127 -53.17 65.81 51.51
C GLU C 127 -52.71 65.57 50.07
N LYS C 128 -52.68 66.65 49.29
CA LYS C 128 -52.25 66.59 47.89
C LYS C 128 -50.78 66.27 47.79
N LEU C 129 -50.01 66.69 48.79
CA LEU C 129 -48.59 66.39 48.82
C LEU C 129 -48.45 64.96 49.31
N LYS C 130 -49.08 64.66 50.44
CA LYS C 130 -49.06 63.30 50.98
C LYS C 130 -49.28 62.34 49.82
N GLU C 131 -50.33 62.56 49.05
CA GLU C 131 -50.61 61.68 47.92
C GLU C 131 -49.55 61.80 46.82
N ALA C 132 -49.26 63.01 46.36
CA ALA C 132 -48.27 63.23 45.31
C ALA C 132 -46.99 62.41 45.52
N ILE C 133 -46.48 62.39 46.75
CA ILE C 133 -45.28 61.63 47.00
C ILE C 133 -45.60 60.15 47.10
N ARG C 134 -46.79 59.82 47.61
CA ARG C 134 -47.18 58.43 47.75
C ARG C 134 -47.19 57.76 46.38
N ASP C 135 -47.40 58.57 45.35
CA ASP C 135 -47.41 58.09 43.98
C ASP C 135 -45.98 57.82 43.52
N THR C 136 -45.10 58.78 43.75
CA THR C 136 -43.72 58.61 43.33
C THR C 136 -43.12 57.38 43.99
N ASN C 137 -43.51 57.12 45.23
CA ASN C 137 -42.98 55.95 45.92
C ASN C 137 -43.28 54.74 45.06
N LYS C 138 -44.50 54.68 44.54
CA LYS C 138 -44.92 53.57 43.71
C LYS C 138 -44.07 53.59 42.43
N ALA C 139 -43.73 54.79 41.94
CA ALA C 139 -42.92 54.94 40.74
C ALA C 139 -41.54 54.35 41.00
N VAL C 140 -41.01 54.60 42.19
CA VAL C 140 -39.73 54.05 42.57
C VAL C 140 -39.89 52.54 42.68
N GLN C 141 -40.97 52.10 43.34
CA GLN C 141 -41.29 50.70 43.53
C GLN C 141 -41.40 49.95 42.20
N SER C 142 -41.69 50.70 41.13
CA SER C 142 -41.81 50.12 39.80
C SER C 142 -40.40 49.98 39.26
N VAL C 143 -39.64 51.06 39.38
CA VAL C 143 -38.27 51.06 38.91
C VAL C 143 -37.54 49.89 39.55
N GLN C 144 -37.69 49.72 40.86
CA GLN C 144 -37.01 48.62 41.54
C GLN C 144 -37.57 47.27 41.11
N SER C 145 -38.75 47.29 40.51
CA SER C 145 -39.35 46.06 40.03
C SER C 145 -38.63 45.72 38.73
N SER C 146 -38.31 46.78 37.99
CA SER C 146 -37.60 46.67 36.71
C SER C 146 -36.19 46.16 36.91
N ILE C 147 -35.56 46.56 37.99
CA ILE C 147 -34.21 46.12 38.27
C ILE C 147 -34.23 44.63 38.54
N GLY C 148 -35.18 44.21 39.38
CA GLY C 148 -35.28 42.81 39.70
C GLY C 148 -35.30 42.03 38.41
N ASN C 149 -36.12 42.49 37.46
CA ASN C 149 -36.23 41.80 36.18
C ASN C 149 -34.92 41.79 35.39
N LEU C 150 -34.15 42.87 35.46
CA LEU C 150 -32.86 42.92 34.76
C LEU C 150 -31.83 42.03 35.44
N ILE C 151 -31.65 42.18 36.75
CA ILE C 151 -30.68 41.38 37.44
C ILE C 151 -31.11 39.93 37.47
N VAL C 152 -31.94 39.56 36.51
CA VAL C 152 -32.41 38.19 36.33
C VAL C 152 -32.01 37.91 34.89
N ALA C 153 -32.30 38.89 34.02
CA ALA C 153 -31.95 38.79 32.61
C ALA C 153 -30.44 38.63 32.52
N ILE C 154 -29.71 39.36 33.36
CA ILE C 154 -28.26 39.25 33.31
C ILE C 154 -27.87 37.88 33.85
N LYS C 155 -28.41 37.52 35.02
CA LYS C 155 -28.08 36.23 35.63
C LYS C 155 -28.38 35.08 34.67
N SER C 156 -29.36 35.26 33.81
CA SER C 156 -29.69 34.23 32.85
C SER C 156 -28.60 34.16 31.78
N VAL C 157 -28.03 35.31 31.44
CA VAL C 157 -26.96 35.37 30.44
C VAL C 157 -25.71 34.74 31.04
N GLN C 158 -25.41 35.11 32.29
CA GLN C 158 -24.27 34.54 32.96
C GLN C 158 -24.50 33.05 33.13
N ASP C 159 -25.70 32.59 32.83
CA ASP C 159 -25.99 31.17 32.98
C ASP C 159 -26.05 30.50 31.62
N TYR C 160 -26.45 31.24 30.60
CA TYR C 160 -26.50 30.67 29.27
C TYR C 160 -25.07 30.45 28.85
N VAL C 161 -24.27 31.48 29.02
CA VAL C 161 -22.86 31.42 28.66
C VAL C 161 -22.15 30.31 29.45
N ASN C 162 -22.21 30.35 30.77
CA ASN C 162 -21.57 29.35 31.62
C ASN C 162 -22.07 27.93 31.48
N LYS C 163 -23.38 27.74 31.37
CA LYS C 163 -23.91 26.39 31.27
C LYS C 163 -24.10 25.88 29.84
N GLU C 164 -23.90 26.75 28.86
CA GLU C 164 -24.05 26.31 27.46
C GLU C 164 -23.05 26.78 26.41
N ILE C 165 -22.71 28.07 26.38
CA ILE C 165 -21.75 28.55 25.39
C ILE C 165 -20.36 28.01 25.69
N VAL C 166 -20.07 27.80 26.95
CA VAL C 166 -18.77 27.30 27.34
C VAL C 166 -18.60 25.80 27.15
N PRO C 167 -19.33 24.99 27.93
CA PRO C 167 -19.16 23.54 27.73
C PRO C 167 -19.28 23.16 26.27
N SER C 168 -20.05 23.94 25.52
CA SER C 168 -20.23 23.67 24.11
C SER C 168 -18.92 23.88 23.38
N ILE C 169 -18.25 24.99 23.66
CA ILE C 169 -16.96 25.27 23.05
C ILE C 169 -15.92 24.25 23.52
N ALA C 170 -15.97 23.90 24.80
CA ALA C 170 -15.05 22.92 25.33
C ALA C 170 -15.13 21.62 24.54
N ARG C 171 -16.35 21.17 24.28
CA ARG C 171 -16.56 19.93 23.54
C ARG C 171 -15.94 19.96 22.15
N LEU C 172 -16.06 21.10 21.46
CA LEU C 172 -15.48 21.19 20.13
C LEU C 172 -13.98 20.88 20.20
N GLY C 173 -13.29 21.44 21.19
CA GLY C 173 -11.88 21.17 21.32
C GLY C 173 -11.63 19.70 21.62
N CYS C 174 -12.55 19.07 22.34
CA CYS C 174 -12.41 17.67 22.70
C CYS C 174 -12.65 16.80 21.47
N GLU C 175 -13.61 17.17 20.63
CA GLU C 175 -13.87 16.38 19.42
C GLU C 175 -12.68 16.63 18.49
N ALA C 176 -12.11 17.83 18.57
CA ALA C 176 -10.98 18.20 17.73
C ALA C 176 -9.69 17.47 18.14
N ALA C 177 -9.57 17.12 19.41
CA ALA C 177 -8.39 16.40 19.88
C ALA C 177 -8.54 15.00 19.30
N GLY C 178 -9.77 14.52 19.27
CA GLY C 178 -10.03 13.21 18.73
C GLY C 178 -9.56 13.18 17.29
N LEU C 179 -9.98 14.19 16.52
CA LEU C 179 -9.58 14.26 15.14
C LEU C 179 -8.06 14.26 14.98
N GLN C 180 -7.36 15.03 15.80
CA GLN C 180 -5.90 15.10 15.78
C GLN C 180 -5.36 13.67 15.81
N LEU C 181 -5.81 12.91 16.81
CA LEU C 181 -5.39 11.53 17.01
C LEU C 181 -5.79 10.59 15.87
N GLY C 182 -6.91 10.90 15.22
CA GLY C 182 -7.36 10.09 14.11
C GLY C 182 -6.34 10.22 13.01
N ILE C 183 -6.11 11.46 12.55
CA ILE C 183 -5.13 11.73 11.51
C ILE C 183 -3.86 10.91 11.82
N ALA C 184 -3.22 11.23 12.93
CA ALA C 184 -2.02 10.52 13.36
C ALA C 184 -2.21 9.02 13.19
N LEU C 185 -3.14 8.44 13.95
CA LEU C 185 -3.41 7.01 13.88
C LEU C 185 -3.56 6.54 12.42
N THR C 186 -4.32 7.31 11.64
CA THR C 186 -4.54 7.01 10.23
C THR C 186 -3.21 6.94 9.49
N GLN C 187 -2.32 7.88 9.79
CA GLN C 187 -1.01 7.89 9.14
C GLN C 187 -0.20 6.68 9.54
N HIS C 188 -0.15 6.38 10.83
CA HIS C 188 0.62 5.22 11.25
C HIS C 188 0.17 3.99 10.48
N TYR C 189 -1.14 3.88 10.23
CA TYR C 189 -1.67 2.75 9.50
C TYR C 189 -1.13 2.82 8.06
N SER C 190 -1.38 3.94 7.39
CA SER C 190 -0.93 4.12 6.01
C SER C 190 0.56 3.82 5.84
N GLU C 191 1.36 4.22 6.83
CA GLU C 191 2.80 3.97 6.76
C GLU C 191 3.10 2.50 6.98
N LEU C 192 2.51 1.95 8.04
CA LEU C 192 2.68 0.56 8.40
C LEU C 192 2.33 -0.35 7.23
N THR C 193 1.14 -0.15 6.66
CA THR C 193 0.68 -0.97 5.55
C THR C 193 1.61 -0.90 4.35
N ASN C 194 2.18 0.27 4.10
CA ASN C 194 3.08 0.39 2.99
C ASN C 194 4.35 -0.43 3.24
N ILE C 195 5.04 -0.12 4.32
CA ILE C 195 6.26 -0.84 4.65
C ILE C 195 6.11 -2.34 4.79
N PHE C 196 5.14 -2.80 5.59
CA PHE C 196 4.98 -4.23 5.79
C PHE C 196 3.74 -4.89 5.20
N GLY C 197 2.86 -4.10 4.61
CA GLY C 197 1.64 -4.65 4.03
C GLY C 197 1.81 -5.84 3.10
N ASP C 198 2.97 -5.96 2.46
CA ASP C 198 3.22 -7.07 1.55
C ASP C 198 3.49 -8.35 2.35
N ASN C 199 4.10 -8.19 3.52
CA ASN C 199 4.42 -9.31 4.41
C ASN C 199 3.19 -9.73 5.21
N ILE C 200 2.52 -8.71 5.75
CA ILE C 200 1.32 -8.88 6.55
C ILE C 200 0.22 -9.61 5.79
N GLY C 201 0.28 -9.57 4.46
CA GLY C 201 -0.74 -10.22 3.67
C GLY C 201 -0.43 -11.56 3.02
N SER C 202 0.51 -12.31 3.57
CA SER C 202 0.85 -13.60 2.99
C SER C 202 1.56 -14.50 3.98
N LEU C 203 1.43 -15.81 3.78
CA LEU C 203 2.08 -16.78 4.66
C LEU C 203 3.45 -17.09 4.06
N GLN C 204 3.53 -16.92 2.75
CA GLN C 204 4.75 -17.13 1.97
C GLN C 204 5.81 -16.10 2.39
N GLU C 205 7.09 -16.46 2.27
CA GLU C 205 8.19 -15.54 2.62
C GLU C 205 8.25 -14.40 1.61
N LYS C 206 8.66 -13.23 2.07
CA LYS C 206 8.74 -12.07 1.19
C LYS C 206 9.98 -11.26 1.51
N GLY C 207 10.28 -10.27 0.69
CA GLY C 207 11.46 -9.45 0.92
C GLY C 207 11.09 -8.24 1.76
N ILE C 208 12.09 -7.59 2.34
CA ILE C 208 11.85 -6.41 3.14
C ILE C 208 12.12 -5.19 2.31
N LYS C 209 11.31 -4.16 2.48
CA LYS C 209 11.52 -2.91 1.76
C LYS C 209 12.62 -2.14 2.48
N LEU C 210 13.23 -1.17 1.80
CA LEU C 210 14.27 -0.38 2.45
C LEU C 210 13.76 0.16 3.78
N GLN C 211 12.64 0.89 3.72
CA GLN C 211 12.02 1.47 4.91
C GLN C 211 11.74 0.41 5.98
N GLY C 212 11.63 -0.84 5.54
CA GLY C 212 11.39 -1.90 6.49
C GLY C 212 12.69 -2.08 7.24
N ILE C 213 13.75 -2.38 6.50
CA ILE C 213 15.08 -2.59 7.04
C ILE C 213 15.50 -1.46 7.98
N ALA C 214 14.97 -0.27 7.71
CA ALA C 214 15.28 0.91 8.49
C ALA C 214 15.17 0.74 10.00
N SER C 215 14.37 -0.22 10.44
CA SER C 215 14.22 -0.44 11.87
C SER C 215 15.21 -1.48 12.39
N LEU C 216 16.13 -1.91 11.53
CA LEU C 216 17.14 -2.89 11.91
C LEU C 216 18.49 -2.24 12.17
N TYR C 217 18.56 -0.95 11.87
CA TYR C 217 19.79 -0.19 12.07
C TYR C 217 19.48 1.24 12.49
N ARG C 218 20.43 1.85 13.19
CA ARG C 218 20.25 3.22 13.63
C ARG C 218 20.87 4.17 12.62
N THR C 219 22.17 4.01 12.34
CA THR C 219 22.86 4.89 11.40
C THR C 219 23.46 4.25 10.14
N ASN C 220 24.35 3.28 10.30
CA ASN C 220 24.95 2.62 9.13
C ASN C 220 24.13 1.40 8.72
N ILE C 221 23.83 1.30 7.42
CA ILE C 221 23.06 0.15 6.93
C ILE C 221 23.79 -1.14 7.26
N THR C 222 24.96 -1.04 7.88
CA THR C 222 25.72 -2.23 8.23
C THR C 222 25.27 -2.87 9.53
N GLU C 223 24.85 -2.02 10.47
CA GLU C 223 24.40 -2.51 11.76
C GLU C 223 23.29 -3.54 11.57
N ILE C 224 22.89 -3.72 10.31
CA ILE C 224 21.85 -4.68 9.95
C ILE C 224 22.17 -6.01 10.62
N PHE C 225 23.37 -6.52 10.37
CA PHE C 225 23.79 -7.77 11.00
C PHE C 225 24.36 -7.42 12.37
N THR C 226 23.96 -8.16 13.39
CA THR C 226 24.46 -7.91 14.74
C THR C 226 25.40 -9.05 15.09
N THR C 227 25.10 -10.21 14.54
CA THR C 227 25.89 -11.43 14.73
C THR C 227 27.29 -11.32 14.15
N SER C 228 27.38 -10.84 12.93
CA SER C 228 28.65 -10.74 12.24
C SER C 228 28.94 -9.32 11.77
N THR C 229 30.00 -9.20 10.96
CA THR C 229 30.42 -7.93 10.37
C THR C 229 30.29 -8.12 8.86
N VAL C 230 29.65 -7.17 8.18
CA VAL C 230 29.48 -7.34 6.74
C VAL C 230 29.81 -6.13 5.87
N ASP C 231 30.38 -6.41 4.70
CA ASP C 231 30.79 -5.41 3.71
C ASP C 231 29.72 -4.46 3.23
N LYS C 232 30.15 -3.35 2.67
CA LYS C 232 29.23 -2.40 2.09
C LYS C 232 28.84 -3.16 0.83
N TYR C 233 29.82 -3.85 0.26
CA TYR C 233 29.64 -4.63 -0.97
C TYR C 233 28.71 -5.82 -0.78
N ASP C 234 28.89 -6.54 0.33
CA ASP C 234 28.07 -7.70 0.61
C ASP C 234 26.60 -7.36 0.86
N ILE C 235 26.34 -6.27 1.57
CA ILE C 235 24.95 -5.91 1.83
C ILE C 235 24.33 -5.23 0.61
N TYR C 236 25.16 -4.72 -0.29
CA TYR C 236 24.59 -4.11 -1.47
C TYR C 236 24.03 -5.20 -2.37
N ASP C 237 24.73 -6.34 -2.42
CA ASP C 237 24.25 -7.44 -3.25
C ASP C 237 22.95 -7.96 -2.65
N LEU C 238 22.80 -7.80 -1.34
CA LEU C 238 21.58 -8.24 -0.68
C LEU C 238 20.43 -7.34 -1.06
N LEU C 239 20.64 -6.03 -0.98
CA LEU C 239 19.58 -5.08 -1.33
C LEU C 239 19.16 -5.18 -2.78
N PHE C 240 20.15 -5.21 -3.67
CA PHE C 240 19.94 -5.27 -5.12
C PHE C 240 19.18 -6.52 -5.56
N THR C 241 19.28 -7.56 -4.74
CA THR C 241 18.66 -8.84 -5.02
C THR C 241 17.40 -9.12 -4.24
N GLU C 242 17.18 -8.36 -3.17
CA GLU C 242 16.02 -8.57 -2.31
C GLU C 242 16.18 -10.00 -1.79
N SER C 243 17.38 -10.28 -1.29
CA SER C 243 17.69 -11.59 -0.75
C SER C 243 17.34 -11.62 0.71
N ILE C 244 17.20 -10.45 1.31
CA ILE C 244 16.81 -10.42 2.72
C ILE C 244 15.32 -10.72 2.71
N LYS C 245 14.92 -11.75 3.45
CA LYS C 245 13.53 -12.16 3.49
C LYS C 245 12.93 -12.30 4.89
N VAL C 246 11.62 -12.13 4.99
CA VAL C 246 10.95 -12.25 6.29
C VAL C 246 9.61 -12.94 6.22
N ARG C 247 9.35 -13.76 7.23
CA ARG C 247 8.09 -14.48 7.33
C ARG C 247 7.38 -14.02 8.59
N VAL C 248 6.07 -13.88 8.52
CA VAL C 248 5.34 -13.45 9.70
C VAL C 248 5.20 -14.70 10.55
N ILE C 249 5.44 -14.55 11.84
CA ILE C 249 5.39 -15.66 12.76
C ILE C 249 4.15 -15.75 13.64
N ASP C 250 3.85 -14.70 14.39
CA ASP C 250 2.67 -14.72 15.24
C ASP C 250 1.99 -13.36 15.31
N VAL C 251 0.69 -13.40 15.58
CA VAL C 251 -0.11 -12.20 15.69
C VAL C 251 -0.76 -12.15 17.06
N ASP C 252 -0.74 -10.99 17.70
CA ASP C 252 -1.35 -10.86 19.02
C ASP C 252 -2.52 -9.89 18.93
N LEU C 253 -3.72 -10.47 18.74
CA LEU C 253 -4.97 -9.73 18.58
C LEU C 253 -5.34 -8.83 19.75
N ASN C 254 -4.72 -9.07 20.89
CA ASN C 254 -5.02 -8.29 22.07
C ASN C 254 -4.23 -7.01 22.15
N ASP C 255 -2.92 -7.11 21.98
CA ASP C 255 -2.06 -5.92 22.04
C ASP C 255 -1.83 -5.32 20.66
N TYR C 256 -2.47 -5.91 19.65
CA TYR C 256 -2.37 -5.44 18.29
C TYR C 256 -0.92 -5.33 17.80
N SER C 257 -0.22 -6.47 17.81
CA SER C 257 1.17 -6.53 17.39
C SER C 257 1.46 -7.76 16.52
N ILE C 258 2.27 -7.56 15.49
CA ILE C 258 2.66 -8.63 14.59
C ILE C 258 4.12 -8.95 14.84
N THR C 259 4.49 -10.22 14.68
CA THR C 259 5.88 -10.60 14.90
C THR C 259 6.53 -11.20 13.67
N LEU C 260 7.50 -10.49 13.10
CA LEU C 260 8.18 -10.95 11.93
C LEU C 260 9.54 -11.53 12.27
N GLN C 261 10.01 -12.43 11.43
CA GLN C 261 11.33 -13.03 11.57
C GLN C 261 12.07 -12.64 10.31
N VAL C 262 13.09 -11.81 10.46
CA VAL C 262 13.88 -11.40 9.31
C VAL C 262 15.02 -12.41 9.17
N ARG C 263 15.30 -12.84 7.95
CA ARG C 263 16.39 -13.78 7.74
C ARG C 263 17.44 -13.11 6.86
N LEU C 264 18.49 -12.60 7.50
CA LEU C 264 19.57 -11.94 6.80
C LEU C 264 20.57 -13.02 6.39
N PRO C 265 20.85 -13.16 5.09
CA PRO C 265 21.81 -14.20 4.74
C PRO C 265 23.25 -13.69 4.78
N LEU C 266 24.18 -14.60 5.06
CA LEU C 266 25.60 -14.27 5.13
C LEU C 266 26.28 -15.00 3.98
N LEU C 267 26.73 -14.20 3.03
CA LEU C 267 27.35 -14.72 1.83
C LEU C 267 28.78 -15.23 1.97
N THR C 268 29.01 -16.42 1.43
CA THR C 268 30.33 -17.03 1.46
C THR C 268 30.92 -16.85 0.06
N ARG C 269 31.96 -16.00 -0.07
CA ARG C 269 32.57 -15.78 -1.38
C ARG C 269 33.42 -16.95 -1.82
N LEU C 270 33.14 -17.47 -3.00
CA LEU C 270 33.89 -18.59 -3.54
C LEU C 270 35.16 -18.09 -4.21
N LEU C 271 36.26 -18.39 -3.54
CA LEU C 271 37.60 -18.00 -3.94
C LEU C 271 37.96 -18.33 -5.39
N ASN C 272 38.43 -17.31 -6.10
CA ASN C 272 38.85 -17.47 -7.48
C ASN C 272 37.88 -18.20 -8.40
N THR C 273 36.65 -17.70 -8.46
CA THR C 273 35.61 -18.27 -9.30
C THR C 273 34.93 -17.10 -9.98
N GLN C 274 34.87 -17.14 -11.30
CA GLN C 274 34.23 -16.09 -12.10
C GLN C 274 33.17 -16.73 -13.00
N ILE C 275 32.20 -15.93 -13.43
CA ILE C 275 31.17 -16.43 -14.30
C ILE C 275 30.89 -15.45 -15.42
N TYR C 276 30.83 -15.96 -16.65
CA TYR C 276 30.56 -15.11 -17.79
C TYR C 276 29.33 -15.59 -18.53
N ARG C 277 28.68 -14.63 -19.20
CA ARG C 277 27.50 -14.90 -20.01
C ARG C 277 28.11 -15.08 -21.40
N VAL C 278 27.59 -16.03 -22.19
CA VAL C 278 28.15 -16.21 -23.52
C VAL C 278 27.11 -16.38 -24.62
N ASP C 279 27.19 -15.48 -25.59
CA ASP C 279 26.28 -15.47 -26.73
C ASP C 279 27.11 -15.87 -27.95
N SER C 280 26.48 -16.54 -28.92
CA SER C 280 27.20 -16.94 -30.12
C SER C 280 26.47 -16.52 -31.39
N ILE C 281 27.22 -15.98 -32.33
CA ILE C 281 26.73 -15.49 -33.60
C ILE C 281 27.33 -16.38 -34.67
N SER C 282 26.93 -16.18 -35.92
CA SER C 282 27.49 -16.94 -37.02
C SER C 282 28.75 -16.20 -37.44
N TYR C 283 29.62 -16.87 -38.18
CA TYR C 283 30.83 -16.20 -38.61
C TYR C 283 31.29 -16.80 -39.91
N ASN C 284 32.03 -16.01 -40.67
CA ASN C 284 32.54 -16.42 -41.96
C ASN C 284 34.07 -16.55 -41.95
N ILE C 285 34.54 -17.69 -42.45
CA ILE C 285 35.96 -18.00 -42.52
C ILE C 285 36.25 -18.76 -43.82
N GLN C 286 36.74 -18.01 -44.81
CA GLN C 286 37.07 -18.56 -46.12
C GLN C 286 35.83 -18.86 -46.94
N ASN C 287 34.88 -17.93 -46.89
CA ASN C 287 33.62 -18.03 -47.62
C ASN C 287 32.59 -19.06 -47.15
N ARG C 288 32.87 -19.74 -46.05
CA ARG C 288 31.92 -20.70 -45.48
C ARG C 288 31.39 -20.02 -44.21
N GLU C 289 30.11 -20.22 -43.89
CA GLU C 289 29.53 -19.61 -42.70
C GLU C 289 29.22 -20.61 -41.61
N TRP C 290 29.82 -20.41 -40.43
CA TRP C 290 29.62 -21.32 -39.31
C TRP C 290 29.00 -20.67 -38.08
N TYR C 291 28.54 -21.52 -37.15
CA TYR C 291 27.94 -21.09 -35.90
C TYR C 291 28.20 -22.12 -34.81
N ILE C 292 28.54 -21.68 -33.61
CA ILE C 292 28.79 -22.63 -32.53
C ILE C 292 27.79 -22.52 -31.37
N PRO C 293 27.06 -23.60 -31.11
CA PRO C 293 26.07 -23.63 -30.02
C PRO C 293 26.80 -23.81 -28.69
N LEU C 294 26.66 -22.84 -27.79
CA LEU C 294 27.33 -22.90 -26.49
C LEU C 294 26.41 -22.51 -25.34
N PRO C 295 26.65 -23.06 -24.14
CA PRO C 295 25.83 -22.73 -22.97
C PRO C 295 25.67 -21.23 -22.80
N SER C 296 24.72 -20.82 -21.99
CA SER C 296 24.48 -19.40 -21.76
C SER C 296 25.56 -18.85 -20.85
N HIS C 297 26.01 -19.67 -19.91
CA HIS C 297 27.02 -19.26 -18.95
C HIS C 297 28.19 -20.20 -18.83
N ILE C 298 29.36 -19.63 -18.56
CA ILE C 298 30.58 -20.41 -18.40
C ILE C 298 31.18 -20.10 -17.04
N MET C 299 31.94 -21.05 -16.49
CA MET C 299 32.56 -20.85 -15.19
C MET C 299 34.09 -21.00 -15.18
N THR C 300 34.74 -20.22 -14.33
CA THR C 300 36.19 -20.22 -14.17
C THR C 300 36.56 -20.53 -12.71
N LYS C 301 37.00 -21.75 -12.45
CA LYS C 301 37.38 -22.14 -11.09
C LYS C 301 38.88 -22.50 -11.05
N GLY C 302 39.68 -21.54 -10.61
CA GLY C 302 41.10 -21.77 -10.57
C GLY C 302 41.59 -21.83 -12.00
N ALA C 303 41.99 -23.02 -12.44
CA ALA C 303 42.50 -23.19 -13.79
C ALA C 303 41.63 -24.16 -14.58
N PHE C 304 40.47 -24.49 -14.02
CA PHE C 304 39.55 -25.38 -14.69
C PHE C 304 38.41 -24.54 -15.24
N LEU C 305 37.55 -25.15 -16.03
CA LEU C 305 36.44 -24.42 -16.57
C LEU C 305 35.36 -25.35 -17.03
N GLY C 306 34.15 -24.82 -17.10
CA GLY C 306 33.02 -25.60 -17.53
C GLY C 306 31.81 -24.69 -17.56
N GLY C 307 30.64 -25.30 -17.55
CA GLY C 307 29.45 -24.50 -17.59
C GLY C 307 28.84 -24.19 -16.24
N ALA C 308 28.02 -23.14 -16.24
CA ALA C 308 27.33 -22.69 -15.05
C ALA C 308 25.82 -22.78 -15.25
N ASP C 309 25.15 -23.62 -14.48
CA ASP C 309 23.69 -23.70 -14.59
C ASP C 309 23.13 -22.73 -13.55
N VAL C 310 23.05 -21.46 -13.95
CA VAL C 310 22.58 -20.40 -13.10
C VAL C 310 21.08 -20.47 -12.79
N LYS C 311 20.36 -21.35 -13.48
CA LYS C 311 18.93 -21.50 -13.29
C LYS C 311 18.39 -20.99 -11.94
N GLU C 312 18.55 -21.77 -10.89
CA GLU C 312 18.07 -21.43 -9.55
C GLU C 312 18.95 -20.44 -8.80
N CYS C 313 19.56 -19.50 -9.51
CA CYS C 313 20.44 -18.54 -8.86
C CYS C 313 19.95 -17.10 -9.11
N ILE C 314 20.70 -16.10 -8.64
CA ILE C 314 20.27 -14.71 -8.84
C ILE C 314 21.45 -13.80 -9.12
N GLU C 315 21.41 -13.14 -10.27
CA GLU C 315 22.49 -12.25 -10.67
C GLU C 315 22.44 -10.93 -9.93
N ALA C 316 23.46 -10.67 -9.13
CA ALA C 316 23.58 -9.43 -8.36
C ALA C 316 24.49 -8.50 -9.13
N PHE C 317 25.13 -7.57 -8.43
CA PHE C 317 26.01 -6.63 -9.10
C PHE C 317 27.39 -7.22 -9.34
N SER C 318 28.14 -7.36 -8.26
CA SER C 318 29.50 -7.88 -8.32
C SER C 318 29.52 -9.37 -8.65
N SER C 319 28.45 -10.07 -8.30
CA SER C 319 28.45 -11.49 -8.51
C SER C 319 27.07 -12.11 -8.53
N TYR C 320 27.04 -13.42 -8.75
CA TYR C 320 25.79 -14.17 -8.73
C TYR C 320 25.70 -14.68 -7.31
N ILE C 321 24.49 -14.93 -6.85
CA ILE C 321 24.28 -15.44 -5.52
C ILE C 321 23.48 -16.73 -5.68
N CYS C 322 24.12 -17.85 -5.36
CA CYS C 322 23.45 -19.15 -5.48
C CYS C 322 23.48 -19.94 -4.18
N PRO C 323 22.55 -20.88 -4.01
CA PRO C 323 22.46 -21.73 -2.82
C PRO C 323 23.61 -22.75 -2.85
N SER C 324 23.96 -23.17 -4.05
CA SER C 324 25.04 -24.12 -4.26
C SER C 324 25.91 -23.65 -5.42
N ASP C 325 26.95 -24.41 -5.75
CA ASP C 325 27.83 -24.07 -6.85
C ASP C 325 27.12 -24.49 -8.13
N PRO C 326 26.91 -23.54 -9.05
CA PRO C 326 26.24 -23.76 -10.35
C PRO C 326 26.94 -24.62 -11.38
N GLY C 327 28.26 -24.63 -11.32
CA GLY C 327 29.04 -25.38 -12.29
C GLY C 327 28.75 -26.84 -12.56
N PHE C 328 28.96 -27.21 -13.82
CA PHE C 328 28.80 -28.57 -14.29
C PHE C 328 29.92 -28.78 -15.30
N VAL C 329 30.14 -30.01 -15.74
CA VAL C 329 31.23 -30.27 -16.68
C VAL C 329 30.81 -30.41 -18.14
N LEU C 330 31.45 -29.64 -19.00
CA LEU C 330 31.18 -29.66 -20.43
C LEU C 330 31.84 -30.93 -20.98
N ASN C 331 31.76 -31.11 -22.29
CA ASN C 331 32.39 -32.28 -22.91
C ASN C 331 33.76 -31.89 -23.43
N HIS C 332 34.62 -32.88 -23.65
CA HIS C 332 35.99 -32.64 -24.12
C HIS C 332 36.06 -31.58 -25.23
N GLU C 333 35.35 -31.81 -26.33
CA GLU C 333 35.38 -30.85 -27.42
C GLU C 333 35.06 -29.41 -26.93
N MET C 334 33.84 -29.18 -26.44
CA MET C 334 33.44 -27.86 -25.96
C MET C 334 34.41 -27.19 -25.00
N GLU C 335 34.92 -27.94 -24.04
CA GLU C 335 35.86 -27.41 -23.07
C GLU C 335 37.08 -26.89 -23.81
N SER C 336 37.73 -27.80 -24.56
CA SER C 336 38.91 -27.45 -25.33
C SER C 336 38.64 -26.21 -26.18
N CYS C 337 37.51 -26.20 -26.89
CA CYS C 337 37.17 -25.06 -27.73
C CYS C 337 37.26 -23.74 -26.96
N LEU C 338 36.57 -23.67 -25.83
CA LEU C 338 36.55 -22.48 -25.00
C LEU C 338 37.89 -22.10 -24.40
N SER C 339 38.72 -23.11 -24.10
CA SER C 339 40.02 -22.85 -23.51
C SER C 339 40.97 -22.24 -24.54
N GLY C 340 40.81 -22.61 -25.81
CA GLY C 340 41.66 -22.07 -26.85
C GLY C 340 41.84 -22.87 -28.12
N ASN C 341 41.76 -24.20 -28.01
CA ASN C 341 41.93 -25.08 -29.18
C ASN C 341 40.76 -24.84 -30.13
N ILE C 342 40.71 -23.63 -30.69
CA ILE C 342 39.65 -23.23 -31.61
C ILE C 342 39.29 -24.27 -32.66
N SER C 343 40.27 -25.06 -33.05
CA SER C 343 40.03 -26.10 -34.04
C SER C 343 39.31 -27.30 -33.41
N GLN C 344 38.67 -27.09 -32.26
CA GLN C 344 37.96 -28.17 -31.59
C GLN C 344 36.50 -27.83 -31.45
N CYS C 345 36.19 -26.55 -31.66
CA CYS C 345 34.82 -26.05 -31.56
C CYS C 345 33.81 -26.86 -32.38
N PRO C 346 32.74 -27.32 -31.73
CA PRO C 346 31.68 -28.11 -32.35
C PRO C 346 30.80 -27.21 -33.22
N ARG C 347 31.43 -26.62 -34.23
CA ARG C 347 30.77 -25.71 -35.15
C ARG C 347 29.90 -26.43 -36.16
N THR C 348 29.01 -25.68 -36.79
CA THR C 348 28.12 -26.24 -37.80
C THR C 348 27.94 -25.26 -38.94
N VAL C 349 27.61 -25.80 -40.10
CA VAL C 349 27.38 -25.01 -41.29
C VAL C 349 25.99 -24.41 -41.15
N VAL C 350 25.84 -23.11 -41.36
CA VAL C 350 24.51 -22.51 -41.24
C VAL C 350 23.82 -22.63 -42.59
N LYS C 351 22.63 -23.19 -42.59
CA LYS C 351 21.88 -23.36 -43.81
C LYS C 351 20.52 -22.74 -43.64
N SER C 352 20.12 -22.58 -42.38
CA SER C 352 18.83 -22.00 -42.05
C SER C 352 19.00 -20.54 -41.71
N ASP C 353 17.88 -19.85 -41.53
CA ASP C 353 17.92 -18.45 -41.19
C ASP C 353 17.57 -18.27 -39.72
N ILE C 354 17.58 -19.39 -39.02
CA ILE C 354 17.29 -19.41 -37.59
C ILE C 354 18.53 -18.92 -36.85
N VAL C 355 19.70 -19.43 -37.26
CA VAL C 355 20.97 -19.06 -36.63
C VAL C 355 21.16 -17.56 -36.63
N PRO C 356 21.38 -16.97 -35.45
CA PRO C 356 21.56 -15.54 -35.27
C PRO C 356 22.80 -15.00 -35.93
N ARG C 357 22.61 -13.92 -36.69
CA ARG C 357 23.71 -13.30 -37.40
C ARG C 357 24.13 -12.00 -36.74
N TYR C 358 23.59 -11.74 -35.55
CA TYR C 358 23.93 -10.52 -34.82
C TYR C 358 23.50 -10.69 -33.37
N ALA C 359 23.98 -9.81 -32.50
CA ALA C 359 23.63 -9.87 -31.10
C ALA C 359 23.97 -8.55 -30.44
N PHE C 360 23.21 -8.19 -29.41
CA PHE C 360 23.48 -6.94 -28.71
C PHE C 360 24.31 -7.33 -27.52
N VAL C 361 25.41 -6.60 -27.32
CA VAL C 361 26.31 -6.87 -26.21
C VAL C 361 27.15 -5.64 -25.97
N ASN C 362 27.08 -5.09 -24.76
CA ASN C 362 27.84 -3.90 -24.41
C ASN C 362 27.23 -2.71 -25.15
N GLY C 363 25.91 -2.61 -25.10
CA GLY C 363 25.26 -1.52 -25.78
C GLY C 363 25.30 -1.74 -27.28
N GLY C 364 26.47 -1.58 -27.88
CA GLY C 364 26.61 -1.79 -29.31
C GLY C 364 26.18 -3.17 -29.81
N VAL C 365 26.35 -3.42 -31.10
CA VAL C 365 25.96 -4.69 -31.71
C VAL C 365 27.17 -5.47 -32.26
N VAL C 366 27.00 -6.77 -32.41
CA VAL C 366 28.05 -7.63 -32.93
C VAL C 366 27.42 -8.56 -33.93
N ALA C 367 27.70 -8.32 -35.21
CA ALA C 367 27.12 -9.14 -36.25
C ALA C 367 28.14 -9.77 -37.19
N ASN C 368 27.61 -10.58 -38.11
CA ASN C 368 28.41 -11.22 -39.15
C ASN C 368 28.07 -10.39 -40.38
N CYS C 369 28.81 -9.31 -40.62
CA CYS C 369 28.51 -8.42 -41.74
C CYS C 369 28.74 -8.95 -43.16
N ILE C 370 28.97 -10.24 -43.30
CA ILE C 370 29.16 -10.80 -44.64
C ILE C 370 27.82 -11.34 -45.08
N THR C 371 27.27 -12.27 -44.30
CA THR C 371 25.97 -12.85 -44.61
C THR C 371 24.87 -11.90 -44.15
N THR C 372 25.26 -10.68 -43.78
CA THR C 372 24.34 -9.67 -43.32
C THR C 372 24.90 -8.33 -43.78
N THR C 373 24.04 -7.35 -44.01
CA THR C 373 24.53 -6.05 -44.46
C THR C 373 24.43 -4.98 -43.37
N CYS C 374 25.56 -4.77 -42.68
CA CYS C 374 25.65 -3.81 -41.59
C CYS C 374 25.76 -2.39 -42.10
N THR C 375 24.74 -1.59 -41.87
CA THR C 375 24.75 -0.21 -42.34
C THR C 375 24.97 0.78 -41.18
N CYS C 376 26.20 1.26 -41.05
CA CYS C 376 26.59 2.19 -39.99
C CYS C 376 25.60 3.31 -39.60
N ASN C 377 25.71 4.48 -40.23
CA ASN C 377 24.81 5.56 -39.83
C ASN C 377 23.82 5.96 -40.93
N GLY C 378 23.00 5.01 -41.35
CA GLY C 378 22.01 5.27 -42.39
C GLY C 378 22.23 4.34 -43.56
N ILE C 379 21.14 3.84 -44.15
CA ILE C 379 21.22 2.89 -45.27
C ILE C 379 22.38 3.17 -46.23
N GLY C 380 22.81 4.43 -46.28
CA GLY C 380 23.90 4.82 -47.16
C GLY C 380 25.21 4.10 -46.95
N ASN C 381 26.00 4.59 -46.01
CA ASN C 381 27.31 4.01 -45.71
C ASN C 381 27.26 2.58 -45.19
N ARG C 382 27.86 1.65 -45.92
CA ARG C 382 27.89 0.26 -45.52
C ARG C 382 29.19 -0.03 -44.76
N ILE C 383 29.11 -0.83 -43.69
CA ILE C 383 30.29 -1.20 -42.90
C ILE C 383 30.77 -2.55 -43.48
N ASN C 384 32.05 -2.64 -43.83
CA ASN C 384 32.60 -3.86 -44.43
C ASN C 384 33.37 -4.76 -43.47
N GLN C 385 33.51 -6.02 -43.86
CA GLN C 385 34.23 -7.01 -43.05
C GLN C 385 35.04 -8.00 -43.87
N PRO C 386 36.37 -7.96 -43.74
CA PRO C 386 37.29 -8.85 -44.45
C PRO C 386 37.00 -10.34 -44.21
N PRO C 387 37.05 -11.16 -45.27
CA PRO C 387 36.79 -12.61 -45.18
C PRO C 387 37.69 -13.28 -44.17
N ASP C 388 38.66 -12.51 -43.67
CA ASP C 388 39.61 -12.98 -42.68
C ASP C 388 38.96 -13.04 -41.29
N GLN C 389 38.50 -11.89 -40.80
CA GLN C 389 37.84 -11.78 -39.50
C GLN C 389 36.65 -12.70 -39.39
N GLY C 390 36.15 -12.85 -38.16
CA GLY C 390 34.99 -13.71 -37.96
C GLY C 390 33.70 -12.89 -37.96
N VAL C 391 33.71 -11.81 -37.19
CA VAL C 391 32.56 -10.92 -37.05
C VAL C 391 33.03 -9.48 -36.84
N LYS C 392 32.12 -8.51 -37.00
CA LYS C 392 32.49 -7.10 -36.79
C LYS C 392 31.80 -6.54 -35.54
N ILE C 393 32.58 -5.91 -34.67
CA ILE C 393 32.03 -5.33 -33.46
C ILE C 393 31.71 -3.87 -33.72
N ILE C 394 30.42 -3.56 -33.81
CA ILE C 394 29.97 -2.19 -34.07
C ILE C 394 29.58 -1.45 -32.81
N THR C 395 30.19 -0.29 -32.59
CA THR C 395 29.90 0.49 -31.40
C THR C 395 28.97 1.67 -31.65
N HIS C 396 28.08 1.93 -30.71
CA HIS C 396 27.17 3.05 -30.85
C HIS C 396 27.91 4.38 -30.74
N LYS C 397 29.22 4.33 -30.50
CA LYS C 397 30.01 5.55 -30.43
C LYS C 397 30.49 5.93 -31.82
N GLU C 398 30.79 4.91 -32.63
CA GLU C 398 31.24 5.10 -34.00
C GLU C 398 30.02 5.37 -34.89
N CYS C 399 28.96 4.58 -34.70
CA CYS C 399 27.74 4.74 -35.47
C CYS C 399 26.57 4.95 -34.51
N ASN C 400 26.01 6.16 -34.49
CA ASN C 400 24.91 6.50 -33.58
C ASN C 400 23.65 5.67 -33.77
N THR C 401 23.51 5.05 -34.94
CA THR C 401 22.35 4.23 -35.20
C THR C 401 22.73 3.05 -36.11
N ILE C 402 23.10 1.96 -35.46
CA ILE C 402 23.51 0.74 -36.15
C ILE C 402 22.40 0.19 -37.02
N GLY C 403 22.76 -0.26 -38.22
CA GLY C 403 21.80 -0.83 -39.13
C GLY C 403 22.09 -2.27 -39.49
N ILE C 404 21.06 -3.09 -39.49
CA ILE C 404 21.23 -4.49 -39.81
C ILE C 404 20.06 -5.04 -40.60
N ASN C 405 20.07 -4.81 -41.90
CA ASN C 405 19.02 -5.30 -42.78
C ASN C 405 17.65 -4.65 -42.54
N GLY C 406 17.64 -3.33 -42.49
CA GLY C 406 16.37 -2.63 -42.30
C GLY C 406 16.05 -2.28 -40.88
N MET C 407 16.49 -3.11 -39.95
CA MET C 407 16.24 -2.86 -38.53
C MET C 407 17.25 -1.82 -38.06
N LEU C 408 16.75 -0.77 -37.45
CA LEU C 408 17.62 0.28 -36.95
C LEU C 408 17.70 0.24 -35.45
N PHE C 409 18.83 -0.23 -34.95
CA PHE C 409 19.05 -0.29 -33.53
C PHE C 409 19.71 1.04 -33.16
N ASN C 410 18.96 1.87 -32.43
CA ASN C 410 19.44 3.18 -32.03
C ASN C 410 19.87 3.19 -30.58
N THR C 411 19.99 4.40 -30.04
CA THR C 411 20.40 4.58 -28.66
C THR C 411 19.23 5.09 -27.84
N ASN C 412 19.22 4.79 -26.55
CA ASN C 412 18.14 5.27 -25.69
C ASN C 412 17.95 6.75 -26.00
N LYS C 413 16.73 7.13 -26.34
CA LYS C 413 16.43 8.52 -26.64
C LYS C 413 15.59 9.10 -25.48
N GLU C 414 16.12 10.11 -24.78
CA GLU C 414 15.40 10.71 -23.65
C GLU C 414 14.11 11.42 -24.08
N GLY C 415 13.02 11.09 -23.38
CA GLY C 415 11.72 11.69 -23.68
C GLY C 415 11.43 12.88 -22.79
N THR C 416 10.20 13.37 -22.85
CA THR C 416 9.78 14.54 -22.08
C THR C 416 9.71 14.36 -20.56
N LEU C 417 10.44 15.18 -19.79
CA LEU C 417 10.42 15.06 -18.33
C LEU C 417 8.97 15.12 -17.90
N ALA C 418 8.59 14.27 -16.96
CA ALA C 418 7.21 14.22 -16.48
C ALA C 418 7.11 14.42 -14.98
N PHE C 419 5.99 14.97 -14.54
CA PHE C 419 5.80 15.24 -13.12
C PHE C 419 4.55 14.64 -12.46
N TYR C 420 4.70 14.29 -11.18
CA TYR C 420 3.62 13.78 -10.36
C TYR C 420 3.58 14.77 -9.22
N THR C 421 2.86 15.88 -9.39
CA THR C 421 2.79 16.90 -8.35
C THR C 421 1.41 17.24 -7.83
N PRO C 422 1.26 17.22 -6.51
CA PRO C 422 -0.03 17.54 -5.90
C PRO C 422 -0.37 19.01 -6.06
N ASN C 423 -1.66 19.27 -6.26
CA ASN C 423 -2.21 20.60 -6.43
C ASN C 423 -1.90 21.47 -5.21
N ASP C 424 -1.39 22.68 -5.45
CA ASP C 424 -1.06 23.60 -4.37
C ASP C 424 -2.24 23.85 -3.43
N ILE C 425 -1.98 23.85 -2.12
CA ILE C 425 -3.02 24.07 -1.12
C ILE C 425 -2.86 25.39 -0.37
N THR C 426 -3.98 26.03 -0.05
CA THR C 426 -3.98 27.29 0.69
C THR C 426 -5.05 27.27 1.80
N LEU C 427 -4.64 27.64 3.00
CA LEU C 427 -5.54 27.64 4.15
C LEU C 427 -6.16 29.01 4.42
N ASN C 428 -7.49 29.02 4.53
CA ASN C 428 -8.23 30.26 4.78
C ASN C 428 -8.87 30.25 6.18
N ASN C 429 -8.03 30.32 7.20
CA ASN C 429 -8.51 30.33 8.58
C ASN C 429 -9.71 31.27 8.67
N SER C 430 -10.79 30.78 9.24
CA SER C 430 -12.00 31.58 9.39
C SER C 430 -11.66 32.95 9.98
N VAL C 431 -12.21 34.01 9.40
CA VAL C 431 -11.95 35.35 9.90
C VAL C 431 -12.57 35.54 11.28
N ALA C 432 -12.02 36.46 12.06
CA ALA C 432 -12.51 36.72 13.42
C ALA C 432 -13.91 37.34 13.38
N LEU C 433 -14.55 37.41 14.54
CA LEU C 433 -15.89 37.97 14.65
C LEU C 433 -15.91 39.39 15.17
N ASP C 434 -16.34 40.34 14.34
CA ASP C 434 -16.42 41.74 14.77
C ASP C 434 -16.97 41.67 16.20
N PRO C 435 -16.18 42.14 17.18
CA PRO C 435 -16.58 42.13 18.59
C PRO C 435 -17.93 42.77 18.87
N ILE C 436 -18.41 42.63 20.10
CA ILE C 436 -19.69 43.21 20.47
C ILE C 436 -19.49 44.56 21.15
N ASP C 437 -20.24 45.57 20.73
CA ASP C 437 -20.11 46.89 21.31
C ASP C 437 -21.41 47.45 21.88
N ILE C 438 -21.45 47.57 23.20
CA ILE C 438 -22.63 48.11 23.87
C ILE C 438 -22.20 49.24 24.79
N SER C 439 -21.21 50.00 24.34
CA SER C 439 -20.70 51.11 25.12
C SER C 439 -21.60 52.31 24.92
N ILE C 440 -21.97 52.58 23.67
CA ILE C 440 -22.83 53.72 23.39
C ILE C 440 -24.05 53.64 24.32
N GLU C 441 -24.55 52.43 24.52
CA GLU C 441 -25.72 52.18 25.38
C GLU C 441 -25.32 52.30 26.86
N LEU C 442 -24.18 51.72 27.22
CA LEU C 442 -23.72 51.82 28.60
C LEU C 442 -23.37 53.25 28.98
N ASN C 443 -22.87 54.03 28.03
CA ASN C 443 -22.50 55.40 28.32
C ASN C 443 -23.70 56.25 28.65
N LYS C 444 -24.69 56.27 27.76
CA LYS C 444 -25.89 57.04 28.04
C LYS C 444 -26.42 56.55 29.40
N ALA C 445 -26.31 55.25 29.64
CA ALA C 445 -26.79 54.67 30.89
C ALA C 445 -26.18 55.33 32.12
N LYS C 446 -24.85 55.38 32.18
CA LYS C 446 -24.17 56.00 33.33
C LYS C 446 -24.36 57.52 33.27
N SER C 447 -24.39 58.07 32.06
CA SER C 447 -24.57 59.50 31.86
C SER C 447 -25.80 60.01 32.62
N ASP C 448 -26.87 59.21 32.61
CA ASP C 448 -28.10 59.57 33.28
C ASP C 448 -28.00 59.36 34.78
N LEU C 449 -27.40 58.25 35.18
CA LEU C 449 -27.24 57.96 36.60
C LEU C 449 -26.67 59.16 37.35
N GLU C 450 -25.92 60.00 36.65
CA GLU C 450 -25.33 61.20 37.25
C GLU C 450 -26.42 62.25 37.30
N GLU C 451 -26.93 62.59 36.13
CA GLU C 451 -27.98 63.57 36.00
C GLU C 451 -29.02 63.33 37.08
N SER C 452 -29.25 62.05 37.36
CA SER C 452 -30.20 61.64 38.40
C SER C 452 -29.67 62.10 39.74
N LYS C 453 -28.48 61.63 40.08
CA LYS C 453 -27.86 61.99 41.35
C LYS C 453 -27.95 63.51 41.53
N GLU C 454 -27.76 64.25 40.44
CA GLU C 454 -27.85 65.71 40.50
C GLU C 454 -29.19 66.07 41.12
N TRP C 455 -30.26 65.81 40.36
CA TRP C 455 -31.62 66.07 40.82
C TRP C 455 -31.88 65.71 42.28
N ILE C 456 -31.30 64.61 42.77
CA ILE C 456 -31.51 64.23 44.16
C ILE C 456 -30.79 65.21 45.07
N ARG C 457 -29.75 65.84 44.55
CA ARG C 457 -29.03 66.84 45.32
C ARG C 457 -30.01 68.01 45.48
N ARG C 458 -30.50 68.51 44.34
CA ARG C 458 -31.47 69.62 44.35
C ARG C 458 -32.70 69.27 45.18
N SER C 459 -33.15 68.02 45.08
CA SER C 459 -34.30 67.56 45.85
C SER C 459 -33.96 67.68 47.32
N ASN C 460 -32.79 67.17 47.70
CA ASN C 460 -32.38 67.25 49.09
C ASN C 460 -32.10 68.70 49.47
N GLN C 461 -31.71 69.49 48.49
CA GLN C 461 -31.41 70.92 48.71
C GLN C 461 -32.65 71.67 49.19
N LYS C 462 -33.68 71.71 48.35
CA LYS C 462 -34.91 72.40 48.72
C LYS C 462 -35.47 71.81 50.02
N LEU C 463 -35.32 70.50 50.20
CA LEU C 463 -35.82 69.86 51.42
C LEU C 463 -35.03 70.29 52.65
N ASP C 464 -33.85 70.88 52.46
CA ASP C 464 -33.02 71.33 53.58
C ASP C 464 -33.28 72.79 53.98
N SER C 465 -34.03 73.51 53.16
CA SER C 465 -34.37 74.91 53.44
C SER C 465 -35.82 74.98 53.91
N ILE C 466 -36.19 74.07 54.82
CA ILE C 466 -37.54 73.98 55.36
C ILE C 466 -37.54 74.00 56.89
#